data_2YA8
#
_entry.id   2YA8
#
_cell.length_a   165.754
_cell.length_b   48.492
_cell.length_c   125.183
_cell.angle_alpha   90.00
_cell.angle_beta   104.04
_cell.angle_gamma   90.00
#
_symmetry.space_group_name_H-M   'C 1 2 1'
#
loop_
_entity.id
_entity.type
_entity.pdbx_description
1 polymer 'NEURAMINIDASE A'
2 non-polymer '(3R,4R,5S)-4-(acetylamino)-5-amino-3-(pentan-3-yloxy)cyclohex-1-ene-1-carboxylic acid'
3 non-polymer 'CHLORIDE ION'
4 non-polymer 'FORMIC ACID'
5 non-polymer 1,2-ETHANEDIOL
6 water water
#
_entity_poly.entity_id   1
_entity_poly.type   'polypeptide(L)'
_entity_poly.pdbx_seq_one_letter_code
;AHHHHHHSSGLEVLFQGPPEGAALTEKTDIFESGRNGNPNKDGIKSYRIPALLKTDKGTLIAGADERRLHSSDWGDIGMV
IRRSEDNGKTWGDRVTITNLRDNPKASDPSIGSPVNIDMVLVQDPETKRIFSIYDMFPEGKGIFGMSSQKEEAYKKIDGK
TYQILYREGEKGAYTIRENGTVYTPDGKATDYRVVVDPVKPAYSDKGDLYKGDQLLGNIYFTTNKTSPFRIAKDSYLWMS
YSDDDGKTWSAPQDITPMVKADWMKFLGVGPGTGIVLRNGPHKGRILIPVYTTNNVSHLDGSQSSRVIYSDDHGKTWHAG
EAVNDNRQVDGQKIHSSTMNNRRAQNTESTVVQLNNGDVKLFMRGLTGDLQVATSKDGGVTWEKDIKRYPQVKDVYVQMS
AIHTMHEGKEYIILSNAGGPKRENGMVHLARVEENGELTWLKHNPIQKGEFAYNSLQELGNGEYGILYEHTEKGQNAYTL
SFRKFNWEFLSKN
;
_entity_poly.pdbx_strand_id   A,B
#
loop_
_chem_comp.id
_chem_comp.type
_chem_comp.name
_chem_comp.formula
CL non-polymer 'CHLORIDE ION' 'Cl -1'
EDO non-polymer 1,2-ETHANEDIOL 'C2 H6 O2'
FMT non-polymer 'FORMIC ACID' 'C H2 O2'
G39 non-polymer '(3R,4R,5S)-4-(acetylamino)-5-amino-3-(pentan-3-yloxy)cyclohex-1-ene-1-carboxylic acid' 'C14 H24 N2 O4'
#
# COMPACT_ATOMS: atom_id res chain seq x y z
N ALA A 23 43.71 -21.20 18.85
CA ALA A 23 42.32 -21.51 18.41
C ALA A 23 41.41 -20.28 18.33
N LEU A 24 41.65 -19.30 19.20
CA LEU A 24 40.93 -18.02 19.21
C LEU A 24 41.90 -16.88 19.46
N THR A 25 42.01 -15.95 18.52
CA THR A 25 42.92 -14.83 18.67
C THR A 25 42.42 -13.86 19.75
N GLU A 26 43.34 -13.08 20.30
CA GLU A 26 42.99 -11.94 21.12
C GLU A 26 42.24 -10.95 20.25
N LYS A 27 41.43 -10.09 20.86
CA LYS A 27 40.69 -9.12 20.08
C LYS A 27 41.57 -8.00 19.51
N THR A 28 41.21 -7.52 18.32
CA THR A 28 41.82 -6.36 17.73
C THR A 28 40.70 -5.35 17.58
N ASP A 29 40.89 -4.17 18.16
CA ASP A 29 39.88 -3.12 18.04
C ASP A 29 39.96 -2.46 16.67
N ILE A 30 38.85 -2.48 15.95
CA ILE A 30 38.81 -1.99 14.57
C ILE A 30 38.21 -0.59 14.52
N PHE A 31 37.16 -0.39 15.31
CA PHE A 31 36.54 0.92 15.46
C PHE A 31 36.43 1.20 16.95
N GLU A 32 37.24 2.13 17.46
CA GLU A 32 37.26 2.37 18.90
C GLU A 32 36.40 3.55 19.30
N SER A 33 35.46 3.31 20.20
CA SER A 33 34.60 4.36 20.73
C SER A 33 35.39 5.19 21.74
N GLY A 34 34.81 6.33 22.14
CA GLY A 34 35.35 7.13 23.24
C GLY A 34 35.13 6.44 24.57
N ARG A 35 35.47 7.12 25.66
CA ARG A 35 35.41 6.52 26.98
C ARG A 35 34.71 7.44 27.94
N ASN A 36 33.96 6.87 28.88
CA ASN A 36 33.34 7.64 29.95
C ASN A 36 32.48 8.80 29.43
N GLY A 37 31.81 8.56 28.31
CA GLY A 37 30.90 9.52 27.72
C GLY A 37 31.57 10.62 26.92
N ASN A 38 32.88 10.54 26.76
CA ASN A 38 33.62 11.52 25.96
C ASN A 38 33.84 11.01 24.52
N PRO A 39 34.07 11.93 23.56
CA PRO A 39 34.47 11.48 22.23
C PRO A 39 35.86 10.85 22.29
N ASN A 40 36.17 9.98 21.34
CA ASN A 40 37.54 9.49 21.16
C ASN A 40 38.39 10.63 20.55
N LYS A 41 39.62 10.31 20.18
CA LYS A 41 40.53 11.32 19.63
C LYS A 41 40.09 11.88 18.29
N ASP A 42 39.27 11.12 17.56
CA ASP A 42 38.78 11.54 16.25
C ASP A 42 37.47 12.33 16.37
N GLY A 43 37.03 12.56 17.60
CA GLY A 43 35.80 13.32 17.89
C GLY A 43 34.54 12.48 17.85
N ILE A 44 34.71 11.16 17.94
CA ILE A 44 33.61 10.20 17.75
C ILE A 44 33.24 9.55 19.07
N LYS A 45 31.98 9.67 19.50
CA LYS A 45 31.63 9.01 20.76
C LYS A 45 31.48 7.50 20.61
N SER A 46 30.84 7.07 19.53
CA SER A 46 30.37 5.68 19.44
C SER A 46 30.58 5.08 18.05
N TYR A 47 30.82 3.77 18.00
CA TYR A 47 30.63 2.97 16.79
C TYR A 47 29.58 1.93 17.07
N ARG A 48 28.80 1.61 16.04
CA ARG A 48 27.80 0.57 16.16
C ARG A 48 27.60 -0.13 14.82
N ILE A 49 27.01 -1.32 14.90
CA ILE A 49 26.44 -2.03 13.72
C ILE A 49 27.50 -2.56 12.75
N PRO A 50 28.25 -3.57 13.21
CA PRO A 50 29.34 -4.13 12.42
C PRO A 50 28.86 -4.91 11.18
N ALA A 51 29.61 -4.85 10.09
CA ALA A 51 29.38 -5.75 8.95
C ALA A 51 30.77 -6.21 8.52
N LEU A 52 30.92 -7.48 8.16
CA LEU A 52 32.24 -7.99 7.83
C LEU A 52 32.16 -8.78 6.54
N LEU A 53 33.08 -8.48 5.61
CA LEU A 53 33.02 -9.06 4.28
C LEU A 53 34.41 -9.47 3.80
N LYS A 54 34.56 -10.75 3.50
CA LYS A 54 35.77 -11.25 2.87
C LYS A 54 35.55 -11.16 1.37
N THR A 55 36.41 -10.41 0.68
CA THR A 55 36.19 -10.19 -0.75
C THR A 55 36.95 -11.23 -1.59
N ASP A 56 36.65 -11.24 -2.89
CA ASP A 56 37.33 -12.10 -3.89
C ASP A 56 38.86 -11.98 -3.87
N LYS A 57 39.39 -10.81 -3.50
CA LYS A 57 40.84 -10.59 -3.41
C LYS A 57 41.40 -11.05 -2.06
N GLY A 58 40.53 -11.58 -1.20
CA GLY A 58 40.93 -12.00 0.13
C GLY A 58 40.93 -10.88 1.16
N THR A 59 40.53 -9.69 0.74
CA THR A 59 40.51 -8.51 1.60
C THR A 59 39.37 -8.64 2.60
N LEU A 60 39.58 -8.19 3.84
CA LEU A 60 38.48 -8.07 4.79
C LEU A 60 38.01 -6.61 4.81
N ILE A 61 36.71 -6.41 4.63
CA ILE A 61 36.13 -5.08 4.79
C ILE A 61 35.29 -5.12 6.05
N ALA A 62 35.57 -4.19 6.96
CA ALA A 62 34.81 -4.09 8.18
C ALA A 62 34.03 -2.78 8.11
N GLY A 63 32.71 -2.87 8.17
CA GLY A 63 31.85 -1.69 8.04
C GLY A 63 31.19 -1.38 9.35
N ALA A 64 30.82 -0.11 9.55
CA ALA A 64 30.19 0.31 10.80
C ALA A 64 29.46 1.62 10.59
N ASP A 65 28.58 1.93 11.55
CA ASP A 65 28.06 3.29 11.74
C ASP A 65 29.07 4.05 12.58
N GLU A 66 29.50 5.20 12.07
CA GLU A 66 30.38 6.09 12.86
C GLU A 66 29.47 7.12 13.52
N ARG A 67 29.15 6.88 14.78
CA ARG A 67 28.15 7.64 15.50
C ARG A 67 28.82 8.75 16.32
N ARG A 68 28.89 9.93 15.72
CA ARG A 68 29.75 10.98 16.28
C ARG A 68 29.29 11.51 17.64
N LEU A 69 28.01 11.84 17.75
CA LEU A 69 27.51 12.58 18.93
C LEU A 69 27.06 11.75 20.14
N HIS A 70 26.70 10.49 19.91
CA HIS A 70 26.12 9.62 20.94
C HIS A 70 25.85 8.28 20.29
N SER A 71 25.40 7.30 21.06
CA SER A 71 25.26 5.92 20.58
C SER A 71 23.90 5.60 19.93
N SER A 72 23.02 6.58 19.89
CA SER A 72 21.64 6.33 19.46
C SER A 72 21.50 6.25 17.94
N ASP A 73 20.37 5.71 17.48
CA ASP A 73 20.13 5.47 16.06
C ASP A 73 19.69 6.70 15.29
N TRP A 74 20.38 7.81 15.53
CA TRP A 74 20.12 9.07 14.88
C TRP A 74 21.29 9.99 15.20
N GLY A 75 21.19 11.23 14.77
CA GLY A 75 22.29 12.18 14.90
C GLY A 75 23.15 12.21 13.66
N ASP A 76 24.38 12.70 13.83
CA ASP A 76 25.36 12.79 12.73
C ASP A 76 26.15 11.49 12.63
N ILE A 77 25.83 10.69 11.63
CA ILE A 77 26.40 9.35 11.50
C ILE A 77 26.97 9.15 10.10
N GLY A 78 28.16 8.56 10.03
CA GLY A 78 28.77 8.27 8.74
C GLY A 78 28.81 6.77 8.57
N MET A 79 28.66 6.33 7.33
CA MET A 79 28.82 4.93 7.01
C MET A 79 30.28 4.78 6.61
N VAL A 80 31.00 3.94 7.35
CA VAL A 80 32.45 3.82 7.15
C VAL A 80 32.92 2.37 7.04
N ILE A 81 34.10 2.19 6.44
CA ILE A 81 34.72 0.86 6.40
C ILE A 81 36.21 1.02 6.64
N ARG A 82 36.82 -0.09 7.06
CA ARG A 82 38.27 -0.24 7.05
C ARG A 82 38.59 -1.53 6.29
N ARG A 83 39.78 -1.58 5.69
CA ARG A 83 40.20 -2.72 4.90
C ARG A 83 41.42 -3.36 5.52
N SER A 84 41.43 -4.69 5.50
CA SER A 84 42.60 -5.45 5.93
C SER A 84 43.03 -6.33 4.78
N GLU A 85 44.30 -6.22 4.41
CA GLU A 85 44.84 -7.01 3.32
C GLU A 85 45.69 -8.20 3.81
N ASP A 86 45.74 -8.40 5.12
CA ASP A 86 46.47 -9.52 5.71
C ASP A 86 45.58 -10.33 6.67
N ASN A 87 44.34 -10.56 6.25
CA ASN A 87 43.42 -11.41 6.99
C ASN A 87 43.13 -10.95 8.42
N GLY A 88 43.12 -9.63 8.63
CA GLY A 88 42.67 -9.06 9.90
C GLY A 88 43.78 -8.63 10.84
N LYS A 89 45.03 -8.82 10.42
CA LYS A 89 46.17 -8.46 11.26
C LYS A 89 46.33 -6.95 11.31
N THR A 90 46.39 -6.32 10.13
CA THR A 90 46.45 -4.85 10.06
C THR A 90 45.30 -4.29 9.25
N TRP A 91 44.98 -3.03 9.51
CA TRP A 91 43.81 -2.40 8.93
C TRP A 91 44.17 -1.00 8.47
N GLY A 92 43.66 -0.61 7.30
CA GLY A 92 43.97 0.70 6.71
C GLY A 92 43.19 1.84 7.34
N ASP A 93 43.23 3.00 6.70
CA ASP A 93 42.49 4.18 7.17
C ASP A 93 41.00 3.95 7.00
N ARG A 94 40.21 4.64 7.81
CA ARG A 94 38.76 4.65 7.61
C ARG A 94 38.45 5.26 6.25
N VAL A 95 37.58 4.58 5.51
CA VAL A 95 36.99 5.11 4.29
C VAL A 95 35.53 5.45 4.59
N THR A 96 35.12 6.69 4.34
CA THR A 96 33.73 7.07 4.58
C THR A 96 32.93 6.93 3.30
N ILE A 97 31.92 6.05 3.30
CA ILE A 97 31.05 5.83 2.16
C ILE A 97 30.09 7.01 1.95
N THR A 98 29.37 7.37 3.00
CA THR A 98 28.36 8.43 2.94
C THR A 98 28.33 9.13 4.29
N ASN A 99 28.28 10.47 4.28
CA ASN A 99 28.14 11.25 5.51
C ASN A 99 27.38 12.53 5.14
N LEU A 100 26.07 12.50 5.29
CA LEU A 100 25.20 13.65 4.96
C LEU A 100 25.51 14.77 5.94
N ARG A 101 25.49 16.01 5.46
CA ARG A 101 25.91 17.11 6.34
C ARG A 101 24.79 17.42 7.33
N ASP A 102 25.17 17.92 8.50
CA ASP A 102 24.17 18.23 9.51
C ASP A 102 23.39 19.51 9.15
N ASN A 103 22.23 19.70 9.78
CA ASN A 103 21.50 20.95 9.70
C ASN A 103 22.13 21.93 10.69
N PRO A 104 22.83 22.96 10.17
CA PRO A 104 23.58 23.86 11.07
C PRO A 104 22.68 24.70 11.97
N LYS A 105 21.38 24.77 11.63
CA LYS A 105 20.44 25.57 12.40
C LYS A 105 19.54 24.74 13.34
N ALA A 106 19.80 23.45 13.45
CA ALA A 106 18.96 22.60 14.29
C ALA A 106 19.09 22.99 15.76
N SER A 107 17.96 23.02 16.47
CA SER A 107 17.94 23.37 17.89
C SER A 107 18.61 22.30 18.74
N ASP A 108 18.42 21.03 18.36
CA ASP A 108 19.01 19.90 19.09
C ASP A 108 19.93 19.17 18.13
N PRO A 109 21.25 19.43 18.24
CA PRO A 109 22.20 18.81 17.34
C PRO A 109 22.15 17.28 17.44
N SER A 110 21.75 16.76 18.60
CA SER A 110 21.68 15.31 18.79
C SER A 110 20.70 14.66 17.81
N ILE A 111 19.68 15.42 17.39
CA ILE A 111 18.74 14.94 16.37
C ILE A 111 18.76 15.84 15.12
N GLY A 112 19.89 16.54 14.94
CA GLY A 112 19.96 17.65 14.02
C GLY A 112 20.56 17.36 12.67
N SER A 113 20.60 16.09 12.28
CA SER A 113 21.24 15.74 11.03
C SER A 113 20.40 14.70 10.30
N PRO A 114 20.31 14.80 8.96
CA PRO A 114 19.85 13.67 8.16
C PRO A 114 20.66 12.45 8.60
N VAL A 115 20.07 11.26 8.56
CA VAL A 115 20.62 10.09 9.27
C VAL A 115 20.85 8.97 8.24
N ASN A 116 22.00 8.32 8.31
CA ASN A 116 22.15 6.97 7.71
C ASN A 116 22.51 6.06 8.84
N ILE A 117 21.95 4.85 8.83
CA ILE A 117 22.27 3.86 9.85
C ILE A 117 22.11 2.48 9.24
N ASP A 118 22.87 1.53 9.78
CA ASP A 118 22.66 0.08 9.63
C ASP A 118 22.99 -0.37 8.22
N MET A 119 24.16 -0.96 8.02
CA MET A 119 24.53 -1.39 6.65
C MET A 119 24.51 -2.90 6.51
N VAL A 120 24.29 -3.34 5.27
CA VAL A 120 24.52 -4.74 4.91
C VAL A 120 25.55 -4.70 3.79
N LEU A 121 26.60 -5.51 3.92
CA LEU A 121 27.63 -5.63 2.89
C LEU A 121 27.42 -6.92 2.11
N VAL A 122 27.71 -6.91 0.81
CA VAL A 122 27.71 -8.17 0.05
C VAL A 122 28.57 -7.92 -1.18
N GLN A 123 29.27 -8.95 -1.65
CA GLN A 123 29.95 -8.84 -2.97
C GLN A 123 29.31 -9.74 -4.01
N ASP A 124 29.09 -9.20 -5.21
CA ASP A 124 28.67 -10.03 -6.34
C ASP A 124 29.88 -10.84 -6.81
N PRO A 125 29.77 -12.19 -6.81
CA PRO A 125 30.95 -12.99 -7.16
C PRO A 125 31.28 -13.00 -8.67
N GLU A 126 30.33 -12.56 -9.50
CA GLU A 126 30.52 -12.51 -10.96
C GLU A 126 31.14 -11.17 -11.37
N THR A 127 30.62 -10.06 -10.85
CA THR A 127 31.11 -8.73 -11.23
C THR A 127 32.17 -8.15 -10.28
N LYS A 128 32.28 -8.74 -9.08
CA LYS A 128 33.16 -8.29 -8.00
C LYS A 128 32.70 -6.96 -7.39
N ARG A 129 31.57 -6.44 -7.86
CA ARG A 129 31.04 -5.19 -7.28
C ARG A 129 30.61 -5.44 -5.83
N ILE A 130 30.99 -4.52 -4.95
CA ILE A 130 30.69 -4.64 -3.52
C ILE A 130 29.61 -3.61 -3.19
N PHE A 131 28.56 -4.05 -2.50
CA PHE A 131 27.41 -3.19 -2.17
C PHE A 131 27.35 -2.95 -0.67
N SER A 132 27.04 -1.71 -0.31
CA SER A 132 26.69 -1.40 1.06
C SER A 132 25.28 -0.84 0.94
N ILE A 133 24.32 -1.47 1.62
CA ILE A 133 22.93 -1.01 1.54
C ILE A 133 22.57 -0.65 2.97
N TYR A 134 22.00 0.54 3.15
CA TYR A 134 21.78 1.08 4.49
C TYR A 134 20.56 1.99 4.54
N ASP A 135 20.08 2.29 5.74
CA ASP A 135 18.86 3.10 5.86
C ASP A 135 19.20 4.58 5.70
N MET A 136 18.18 5.35 5.35
CA MET A 136 18.29 6.80 5.39
C MET A 136 17.00 7.40 5.92
N PHE A 137 17.14 8.42 6.75
CA PHE A 137 15.98 9.21 7.17
C PHE A 137 16.37 10.68 7.08
N PRO A 138 15.39 11.57 6.78
CA PRO A 138 15.72 12.99 6.82
C PRO A 138 15.93 13.45 8.25
N GLU A 139 16.35 14.70 8.44
CA GLU A 139 16.72 15.19 9.76
C GLU A 139 15.66 14.87 10.80
N GLY A 140 16.10 14.43 11.97
CA GLY A 140 15.19 14.06 13.02
C GLY A 140 15.69 12.86 13.79
N LYS A 141 14.80 12.31 14.63
CA LYS A 141 15.20 11.24 15.52
C LYS A 141 15.16 9.87 14.81
N GLY A 142 15.82 9.79 13.64
CA GLY A 142 15.89 8.53 12.88
C GLY A 142 14.50 8.03 12.60
N ILE A 143 14.27 6.73 12.82
CA ILE A 143 12.95 6.15 12.63
C ILE A 143 11.87 6.86 13.44
N PHE A 144 12.25 7.39 14.60
CA PHE A 144 11.28 8.09 15.47
C PHE A 144 10.88 9.47 14.98
N GLY A 145 11.56 9.92 13.91
CA GLY A 145 11.24 11.18 13.23
C GLY A 145 10.27 11.05 12.06
N MET A 146 9.86 9.82 11.73
CA MET A 146 8.91 9.64 10.64
C MET A 146 7.60 10.35 10.98
N SER A 147 6.93 10.92 9.98
CA SER A 147 5.62 11.57 10.21
C SER A 147 4.60 10.58 10.81
N SER A 148 3.74 11.08 11.69
N SER A 148 3.70 11.09 11.67
CA SER A 148 2.68 10.27 12.29
CA SER A 148 2.67 10.28 12.30
C SER A 148 1.67 9.84 11.22
C SER A 148 1.59 9.90 11.28
N GLN A 149 1.42 10.73 10.26
CA GLN A 149 0.54 10.40 9.13
C GLN A 149 1.41 10.22 7.91
N LYS A 150 0.95 9.41 6.97
CA LYS A 150 1.78 9.13 5.79
C LYS A 150 2.04 10.41 5.01
N GLU A 151 3.30 10.63 4.65
CA GLU A 151 3.66 11.63 3.66
C GLU A 151 4.23 10.84 2.48
N GLU A 152 3.53 10.91 1.35
N GLU A 152 3.53 10.90 1.35
CA GLU A 152 3.96 10.28 0.11
CA GLU A 152 3.97 10.22 0.13
C GLU A 152 5.37 10.73 -0.23
C GLU A 152 5.36 10.72 -0.24
N ALA A 153 6.25 9.79 -0.57
CA ALA A 153 7.66 10.12 -0.81
C ALA A 153 8.04 10.16 -2.29
N TYR A 154 7.28 9.46 -3.13
CA TYR A 154 7.51 9.40 -4.56
C TYR A 154 6.22 9.54 -5.35
N LYS A 155 6.35 9.96 -6.59
CA LYS A 155 5.24 10.13 -7.51
C LYS A 155 5.67 9.49 -8.82
N LYS A 156 4.82 8.67 -9.42
CA LYS A 156 5.10 8.10 -10.75
C LYS A 156 4.41 8.99 -11.78
N ILE A 157 5.20 9.58 -12.67
CA ILE A 157 4.71 10.55 -13.65
C ILE A 157 5.16 10.15 -15.04
N ASP A 158 4.18 9.86 -15.89
CA ASP A 158 4.44 9.34 -17.23
C ASP A 158 5.46 8.18 -17.18
N GLY A 159 5.24 7.27 -16.24
CA GLY A 159 6.06 6.09 -16.11
C GLY A 159 7.37 6.23 -15.34
N LYS A 160 7.79 7.45 -15.04
CA LYS A 160 9.05 7.69 -14.34
C LYS A 160 8.75 7.96 -12.87
N THR A 161 9.57 7.42 -11.97
CA THR A 161 9.37 7.67 -10.54
C THR A 161 10.26 8.81 -10.06
N TYR A 162 9.63 9.81 -9.46
CA TYR A 162 10.34 10.98 -8.95
C TYR A 162 10.09 11.15 -7.47
N GLN A 163 11.13 11.58 -6.76
CA GLN A 163 11.00 11.86 -5.34
C GLN A 163 10.26 13.17 -5.15
N ILE A 164 9.38 13.18 -4.15
CA ILE A 164 8.51 14.34 -3.88
C ILE A 164 9.20 15.36 -2.97
N LEU A 165 8.94 16.66 -3.22
CA LEU A 165 9.27 17.70 -2.25
C LEU A 165 8.01 18.44 -1.81
N TYR A 166 8.00 18.82 -0.54
CA TYR A 166 6.92 19.62 0.01
C TYR A 166 7.46 21.00 0.28
N ARG A 167 6.70 21.98 -0.18
CA ARG A 167 7.04 23.39 0.00
C ARG A 167 6.22 23.97 1.13
N GLU A 168 6.87 24.76 1.98
CA GLU A 168 6.20 25.36 3.13
C GLU A 168 4.92 26.08 2.73
N GLY A 169 3.86 25.86 3.50
CA GLY A 169 2.57 26.50 3.26
C GLY A 169 1.75 25.99 2.08
N GLU A 170 2.25 24.97 1.37
CA GLU A 170 1.55 24.42 0.21
C GLU A 170 1.28 22.92 0.34
N LYS A 171 0.14 22.49 -0.19
CA LYS A 171 -0.30 21.10 -0.08
C LYS A 171 0.36 20.16 -1.10
N GLY A 172 0.68 20.68 -2.28
CA GLY A 172 0.97 19.88 -3.45
C GLY A 172 2.34 19.23 -3.45
N ALA A 173 2.50 18.22 -4.28
CA ALA A 173 3.74 17.48 -4.39
C ALA A 173 4.61 18.04 -5.50
N TYR A 174 5.65 18.78 -5.16
CA TYR A 174 6.70 19.11 -6.11
C TYR A 174 7.48 17.83 -6.39
N THR A 175 8.22 17.81 -7.49
CA THR A 175 9.03 16.63 -7.83
C THR A 175 10.45 16.99 -8.20
N ILE A 176 11.38 16.07 -7.92
CA ILE A 176 12.75 16.20 -8.31
C ILE A 176 12.92 15.37 -9.58
N ARG A 177 13.13 16.04 -10.71
CA ARG A 177 13.22 15.32 -11.96
C ARG A 177 14.65 15.30 -12.48
N GLU A 178 14.80 15.02 -13.77
CA GLU A 178 16.12 14.83 -14.36
C GLU A 178 17.04 16.01 -14.07
N ASN A 179 18.30 15.71 -13.77
CA ASN A 179 19.31 16.70 -13.38
C ASN A 179 19.00 17.46 -12.08
N GLY A 180 18.05 16.92 -11.32
CA GLY A 180 17.65 17.50 -10.04
C GLY A 180 16.79 18.75 -10.14
N THR A 181 16.28 19.05 -11.34
CA THR A 181 15.38 20.21 -11.50
C THR A 181 14.07 19.96 -10.79
N VAL A 182 13.71 20.90 -9.93
CA VAL A 182 12.46 20.84 -9.16
C VAL A 182 11.32 21.32 -10.05
N TYR A 183 10.29 20.49 -10.13
CA TYR A 183 9.06 20.79 -10.86
C TYR A 183 7.92 21.09 -9.90
N THR A 184 7.06 22.02 -10.26
CA THR A 184 5.85 22.32 -9.51
C THR A 184 4.86 21.13 -9.53
N PRO A 185 3.93 21.08 -8.56
CA PRO A 185 2.93 20.03 -8.55
C PRO A 185 2.18 19.93 -9.87
N ASP A 186 2.09 21.06 -10.57
CA ASP A 186 1.40 21.15 -11.86
C ASP A 186 2.30 20.80 -13.06
N GLY A 187 3.54 20.39 -12.79
CA GLY A 187 4.44 19.89 -13.82
C GLY A 187 5.27 20.92 -14.56
N LYS A 188 5.53 22.05 -13.91
CA LYS A 188 6.31 23.13 -14.52
C LYS A 188 7.68 23.24 -13.87
N ALA A 189 8.71 23.31 -14.70
CA ALA A 189 10.08 23.39 -14.23
C ALA A 189 10.28 24.73 -13.53
N THR A 190 10.97 24.69 -12.39
CA THR A 190 11.32 25.88 -11.64
C THR A 190 12.82 26.14 -11.81
N ASP A 191 13.30 27.19 -11.16
CA ASP A 191 14.73 27.50 -11.15
C ASP A 191 15.41 26.91 -9.89
N TYR A 192 14.66 26.08 -9.16
CA TYR A 192 15.24 25.32 -8.05
C TYR A 192 15.82 24.02 -8.55
N ARG A 193 16.93 23.64 -7.93
CA ARG A 193 17.66 22.44 -8.31
C ARG A 193 18.21 21.74 -7.07
N VAL A 194 18.15 20.42 -7.08
CA VAL A 194 18.69 19.59 -5.99
C VAL A 194 19.95 18.91 -6.49
N VAL A 195 20.97 18.88 -5.63
CA VAL A 195 22.21 18.15 -5.93
C VAL A 195 21.85 16.67 -5.85
N VAL A 196 21.64 16.09 -7.03
CA VAL A 196 21.36 14.67 -7.20
C VAL A 196 22.61 13.93 -7.62
N ASP A 197 23.65 14.68 -8.00
CA ASP A 197 24.96 14.10 -8.31
C ASP A 197 26.01 14.76 -7.42
N PRO A 198 26.03 14.37 -6.13
CA PRO A 198 26.91 14.98 -5.14
C PRO A 198 28.36 14.74 -5.50
N VAL A 199 29.23 15.68 -5.15
CA VAL A 199 30.63 15.59 -5.54
C VAL A 199 31.60 15.80 -4.38
N LYS A 200 31.09 16.19 -3.22
CA LYS A 200 31.96 16.46 -2.06
C LYS A 200 32.42 15.15 -1.39
N PRO A 201 33.52 15.20 -0.60
CA PRO A 201 33.94 13.97 0.10
C PRO A 201 32.77 13.38 0.91
N ALA A 202 32.55 12.07 0.79
CA ALA A 202 31.46 11.36 1.51
C ALA A 202 30.06 11.82 1.07
N TYR A 203 30.02 12.55 -0.04
CA TYR A 203 28.76 12.97 -0.66
C TYR A 203 27.90 13.85 0.26
N SER A 204 28.58 14.65 1.09
CA SER A 204 27.92 15.51 2.08
C SER A 204 27.06 16.59 1.46
N ASP A 205 27.25 16.83 0.16
CA ASP A 205 26.41 17.79 -0.59
C ASP A 205 25.11 17.20 -1.09
N LYS A 206 24.91 15.90 -0.93
CA LYS A 206 23.68 15.29 -1.45
C LYS A 206 22.44 15.96 -0.84
N GLY A 207 21.49 16.31 -1.69
CA GLY A 207 20.24 16.93 -1.22
C GLY A 207 20.28 18.43 -1.10
N ASP A 208 21.46 19.02 -1.30
CA ASP A 208 21.60 20.49 -1.25
C ASP A 208 20.63 21.10 -2.24
N LEU A 209 20.02 22.21 -1.84
CA LEU A 209 18.98 22.84 -2.63
C LEU A 209 19.45 24.22 -3.07
N TYR A 210 19.44 24.43 -4.38
CA TYR A 210 19.89 25.67 -5.03
C TYR A 210 18.75 26.38 -5.74
N LYS A 211 18.82 27.72 -5.76
CA LYS A 211 17.97 28.51 -6.66
C LYS A 211 18.97 29.14 -7.59
N GLY A 212 19.00 28.63 -8.83
CA GLY A 212 20.10 28.90 -9.76
C GLY A 212 21.48 28.63 -9.14
N ASP A 213 22.25 29.70 -8.99
CA ASP A 213 23.63 29.66 -8.49
C ASP A 213 23.72 29.66 -6.95
N GLN A 214 22.63 30.03 -6.28
CA GLN A 214 22.66 30.21 -4.83
C GLN A 214 22.26 28.94 -4.05
N LEU A 215 23.13 28.52 -3.12
CA LEU A 215 22.81 27.43 -2.19
C LEU A 215 21.87 27.95 -1.11
N LEU A 216 20.70 27.33 -1.01
CA LEU A 216 19.65 27.76 -0.08
C LEU A 216 19.51 26.90 1.18
N GLY A 217 19.79 25.61 1.05
CA GLY A 217 19.58 24.72 2.19
C GLY A 217 19.73 23.29 1.75
N ASN A 218 18.92 22.41 2.33
CA ASN A 218 19.01 21.00 1.96
C ASN A 218 17.64 20.35 2.13
N ILE A 219 17.28 19.54 1.15
CA ILE A 219 15.95 18.91 1.14
C ILE A 219 15.74 17.88 2.27
N TYR A 220 16.83 17.48 2.91
CA TYR A 220 16.76 16.53 4.02
C TYR A 220 16.62 17.23 5.36
N PHE A 221 16.71 18.56 5.37
CA PHE A 221 16.52 19.30 6.60
C PHE A 221 15.02 19.44 6.84
N THR A 222 14.60 19.30 8.09
CA THR A 222 13.18 19.30 8.42
C THR A 222 12.79 20.37 9.42
N THR A 223 13.78 21.04 9.99
CA THR A 223 13.52 22.11 10.98
C THR A 223 14.36 23.34 10.69
N ASN A 224 13.90 24.49 11.19
CA ASN A 224 14.68 25.73 11.03
C ASN A 224 15.31 25.83 9.67
N LYS A 225 14.49 25.58 8.65
CA LYS A 225 14.94 25.48 7.27
C LYS A 225 15.28 26.84 6.68
N THR A 226 16.25 26.85 5.78
CA THR A 226 16.58 28.08 5.04
C THR A 226 16.16 28.00 3.59
N SER A 227 15.65 26.84 3.18
CA SER A 227 15.11 26.65 1.84
C SER A 227 13.63 26.24 1.91
N PRO A 228 12.89 26.36 0.80
CA PRO A 228 11.44 26.10 0.85
C PRO A 228 11.04 24.62 0.91
N PHE A 229 11.96 23.70 0.60
CA PHE A 229 11.58 22.32 0.24
C PHE A 229 12.19 21.26 1.14
N ARG A 230 11.38 20.26 1.47
CA ARG A 230 11.88 19.03 2.10
C ARG A 230 11.28 17.77 1.50
N ILE A 231 11.96 16.64 1.68
CA ILE A 231 11.40 15.35 1.29
C ILE A 231 10.38 14.88 2.32
N ALA A 232 9.68 13.78 2.03
CA ALA A 232 8.76 13.21 3.01
C ALA A 232 9.55 12.70 4.22
N LYS A 233 8.95 12.85 5.40
CA LYS A 233 9.54 12.33 6.64
C LYS A 233 9.17 10.85 6.72
N ASP A 234 9.89 10.06 5.95
CA ASP A 234 9.57 8.67 5.77
C ASP A 234 10.85 7.87 5.98
N SER A 235 10.92 6.66 5.42
CA SER A 235 12.00 5.73 5.71
C SER A 235 12.51 5.27 4.33
N TYR A 236 13.83 5.35 4.15
CA TYR A 236 14.46 5.15 2.85
C TYR A 236 15.56 4.10 2.91
N LEU A 237 15.87 3.53 1.76
CA LEU A 237 16.94 2.53 1.64
C LEU A 237 17.89 3.02 0.56
N TRP A 238 19.16 3.17 0.91
CA TRP A 238 20.17 3.64 -0.03
C TRP A 238 21.23 2.57 -0.27
N MET A 239 21.87 2.64 -1.42
N MET A 239 21.89 2.66 -1.43
CA MET A 239 22.94 1.73 -1.75
CA MET A 239 22.90 1.68 -1.85
C MET A 239 24.13 2.48 -2.31
C MET A 239 24.13 2.40 -2.40
N SER A 240 25.31 2.06 -1.89
CA SER A 240 26.56 2.55 -2.47
C SER A 240 27.39 1.35 -2.88
N TYR A 241 28.18 1.48 -3.95
CA TYR A 241 28.90 0.32 -4.44
C TYR A 241 30.36 0.68 -4.68
N SER A 242 31.20 -0.34 -4.63
CA SER A 242 32.62 -0.18 -4.86
C SER A 242 33.05 -1.19 -5.91
N ASP A 243 33.78 -0.73 -6.90
CA ASP A 243 34.37 -1.61 -7.90
C ASP A 243 35.89 -1.76 -7.74
N ASP A 244 36.43 -1.27 -6.63
CA ASP A 244 37.86 -1.38 -6.39
C ASP A 244 38.15 -1.92 -5.01
N ASP A 245 37.43 -2.99 -4.64
CA ASP A 245 37.74 -3.76 -3.42
C ASP A 245 37.53 -2.91 -2.16
N GLY A 246 36.56 -1.99 -2.23
CA GLY A 246 36.21 -1.14 -1.10
C GLY A 246 37.00 0.14 -0.93
N LYS A 247 37.89 0.45 -1.87
CA LYS A 247 38.73 1.63 -1.71
C LYS A 247 37.96 2.92 -1.95
N THR A 248 37.13 2.93 -2.97
CA THR A 248 36.30 4.11 -3.24
C THR A 248 34.88 3.65 -3.51
N TRP A 249 33.94 4.58 -3.36
CA TRP A 249 32.52 4.25 -3.37
C TRP A 249 31.74 5.22 -4.21
N SER A 250 30.73 4.70 -4.92
CA SER A 250 29.77 5.47 -5.69
C SER A 250 29.03 6.46 -4.79
N ALA A 251 28.36 7.43 -5.40
CA ALA A 251 27.36 8.23 -4.71
C ALA A 251 26.23 7.30 -4.30
N PRO A 252 25.47 7.67 -3.25
CA PRO A 252 24.36 6.82 -2.88
C PRO A 252 23.25 6.73 -3.94
N GLN A 253 22.77 5.50 -4.13
CA GLN A 253 21.65 5.23 -5.01
C GLN A 253 20.39 5.00 -4.17
N ASP A 254 19.31 5.67 -4.51
CA ASP A 254 18.08 5.54 -3.75
C ASP A 254 17.26 4.36 -4.29
N ILE A 255 17.30 3.25 -3.58
CA ILE A 255 16.61 2.06 -4.09
C ILE A 255 15.20 1.90 -3.51
N THR A 256 14.84 2.80 -2.59
CA THR A 256 13.52 2.72 -1.93
C THR A 256 12.33 2.39 -2.84
N PRO A 257 12.11 3.16 -3.94
CA PRO A 257 10.91 2.96 -4.75
C PRO A 257 10.82 1.62 -5.44
N MET A 258 11.96 0.93 -5.54
CA MET A 258 11.98 -0.41 -6.13
C MET A 258 11.39 -1.49 -5.22
N VAL A 259 11.41 -1.22 -3.92
CA VAL A 259 11.10 -2.26 -2.93
C VAL A 259 10.07 -1.88 -1.87
N LYS A 260 9.80 -0.59 -1.71
CA LYS A 260 8.94 -0.19 -0.60
C LYS A 260 7.49 -0.04 -1.13
N ALA A 261 6.58 -0.85 -0.60
CA ALA A 261 5.16 -0.83 -0.98
C ALA A 261 4.50 0.36 -0.30
N ASP A 262 3.36 0.81 -0.81
N ASP A 262 3.32 0.73 -0.82
CA ASP A 262 2.74 2.01 -0.26
CA ASP A 262 2.58 1.91 -0.38
C ASP A 262 2.36 1.84 1.21
C ASP A 262 1.98 1.82 1.03
N TRP A 263 1.99 0.62 1.59
CA TRP A 263 1.54 0.39 2.97
C TRP A 263 2.67 0.38 3.98
N MET A 264 3.91 0.18 3.54
CA MET A 264 5.01 0.03 4.49
C MET A 264 5.30 1.35 5.18
N LYS A 265 5.43 1.31 6.50
CA LYS A 265 5.90 2.48 7.21
C LYS A 265 7.43 2.42 7.19
N PHE A 266 8.05 1.74 8.15
CA PHE A 266 9.50 1.52 8.09
C PHE A 266 9.83 0.40 7.11
N LEU A 267 10.88 0.60 6.32
CA LEU A 267 11.59 -0.50 5.66
C LEU A 267 13.08 -0.25 5.85
N GLY A 268 13.77 -1.20 6.46
CA GLY A 268 15.19 -1.01 6.72
C GLY A 268 15.94 -2.32 6.76
N VAL A 269 17.26 -2.25 6.77
CA VAL A 269 18.04 -3.49 6.66
C VAL A 269 18.16 -4.24 7.97
N GLY A 270 18.36 -5.56 7.85
CA GLY A 270 18.86 -6.35 8.97
C GLY A 270 20.36 -6.37 8.79
N PRO A 271 21.09 -5.56 9.58
CA PRO A 271 22.49 -5.29 9.24
C PRO A 271 23.42 -6.48 9.41
N GLY A 272 24.53 -6.42 8.68
CA GLY A 272 25.52 -7.52 8.68
C GLY A 272 25.95 -7.73 7.26
N THR A 273 25.98 -8.99 6.84
CA THR A 273 26.53 -9.35 5.54
C THR A 273 25.56 -10.26 4.81
N GLY A 274 25.10 -9.80 3.65
CA GLY A 274 24.14 -10.51 2.85
C GLY A 274 24.86 -11.64 2.12
N ILE A 275 24.12 -12.33 1.26
CA ILE A 275 24.67 -13.46 0.51
C ILE A 275 24.32 -13.38 -0.96
N VAL A 276 25.03 -14.19 -1.75
CA VAL A 276 24.60 -14.45 -3.12
C VAL A 276 24.36 -15.95 -3.21
N LEU A 277 23.22 -16.33 -3.75
CA LEU A 277 22.86 -17.75 -3.85
C LEU A 277 23.91 -18.41 -4.75
N ARG A 278 24.41 -19.55 -4.32
CA ARG A 278 25.51 -20.20 -5.00
C ARG A 278 25.05 -21.48 -5.73
N ASN A 279 23.78 -21.86 -5.54
CA ASN A 279 23.23 -23.07 -6.15
C ASN A 279 21.73 -22.97 -6.43
N GLY A 280 21.22 -23.87 -7.28
CA GLY A 280 19.81 -23.90 -7.63
C GLY A 280 19.47 -22.96 -8.77
N PRO A 281 18.16 -22.88 -9.13
CA PRO A 281 17.72 -22.07 -10.27
C PRO A 281 17.97 -20.57 -10.09
N HIS A 282 18.12 -20.13 -8.82
CA HIS A 282 18.33 -18.71 -8.53
C HIS A 282 19.76 -18.38 -8.16
N LYS A 283 20.70 -19.27 -8.53
CA LYS A 283 22.12 -19.01 -8.37
C LYS A 283 22.47 -17.64 -8.96
N GLY A 284 23.20 -16.84 -8.19
CA GLY A 284 23.59 -15.50 -8.59
C GLY A 284 22.71 -14.40 -8.01
N ARG A 285 21.54 -14.79 -7.50
CA ARG A 285 20.65 -13.80 -6.86
C ARG A 285 21.29 -13.28 -5.57
N ILE A 286 21.21 -11.96 -5.36
CA ILE A 286 21.81 -11.32 -4.20
C ILE A 286 20.65 -11.15 -3.21
N LEU A 287 20.82 -11.59 -1.96
CA LEU A 287 19.80 -11.51 -0.91
C LEU A 287 20.23 -10.54 0.21
N ILE A 288 19.35 -9.62 0.56
CA ILE A 288 19.65 -8.62 1.58
C ILE A 288 18.52 -8.67 2.62
N PRO A 289 18.84 -9.05 3.86
CA PRO A 289 17.80 -9.04 4.89
C PRO A 289 17.28 -7.64 5.15
N VAL A 290 15.96 -7.52 5.21
CA VAL A 290 15.32 -6.26 5.59
C VAL A 290 14.16 -6.59 6.51
N TYR A 291 13.55 -5.55 7.06
CA TYR A 291 12.29 -5.73 7.74
C TYR A 291 11.46 -4.49 7.65
N THR A 292 10.16 -4.68 7.85
CA THR A 292 9.17 -3.60 7.72
C THR A 292 8.30 -3.42 8.95
N THR A 293 7.65 -2.28 9.00
CA THR A 293 6.48 -2.12 9.89
C THR A 293 5.33 -1.62 9.05
N ASN A 294 4.14 -1.72 9.61
CA ASN A 294 2.94 -1.20 8.94
C ASN A 294 2.41 -0.03 9.76
N ASN A 295 1.40 0.66 9.23
CA ASN A 295 0.81 1.81 9.89
C ASN A 295 -0.22 1.43 10.93
N VAL A 296 -0.59 0.14 11.00
CA VAL A 296 -1.59 -0.29 11.97
C VAL A 296 -0.98 -0.35 13.38
N SER A 297 0.20 -0.95 13.49
CA SER A 297 0.83 -1.15 14.80
C SER A 297 2.31 -0.79 14.86
N HIS A 298 2.88 -0.42 13.71
CA HIS A 298 4.25 0.09 13.61
C HIS A 298 5.19 -0.76 14.45
N LEU A 299 5.90 -0.15 15.41
CA LEU A 299 6.93 -0.84 16.18
C LEU A 299 6.39 -1.67 17.34
N ASP A 300 5.11 -1.52 17.63
CA ASP A 300 4.47 -2.26 18.71
C ASP A 300 4.09 -3.68 18.31
N GLY A 301 3.78 -3.88 17.03
CA GLY A 301 3.24 -5.21 16.68
C GLY A 301 3.38 -5.66 15.24
N SER A 302 4.26 -4.99 14.48
CA SER A 302 4.30 -5.36 13.05
C SER A 302 5.67 -5.57 12.45
N GLN A 303 6.72 -5.50 13.25
CA GLN A 303 8.07 -5.65 12.67
C GLN A 303 8.11 -7.03 12.05
N SER A 304 8.52 -7.10 10.77
CA SER A 304 8.39 -8.33 9.97
C SER A 304 9.57 -8.48 9.04
N SER A 305 10.32 -9.57 9.18
CA SER A 305 11.44 -9.89 8.31
C SER A 305 11.06 -10.33 6.90
N ARG A 306 11.95 -10.01 5.99
CA ARG A 306 11.88 -10.51 4.60
C ARG A 306 13.24 -10.25 3.98
N VAL A 307 13.40 -10.61 2.70
CA VAL A 307 14.58 -10.14 1.98
C VAL A 307 14.17 -9.31 0.78
N ILE A 308 15.07 -8.41 0.39
CA ILE A 308 15.07 -7.84 -0.96
C ILE A 308 16.16 -8.54 -1.73
N TYR A 309 16.02 -8.52 -3.05
CA TYR A 309 16.92 -9.31 -3.88
C TYR A 309 17.11 -8.69 -5.23
N SER A 310 18.24 -9.04 -5.85
CA SER A 310 18.55 -8.60 -7.21
C SER A 310 18.95 -9.81 -8.05
N ASP A 311 18.33 -9.90 -9.22
CA ASP A 311 18.64 -10.95 -10.19
C ASP A 311 19.49 -10.41 -11.33
N ASP A 312 19.85 -9.12 -11.26
CA ASP A 312 20.70 -8.49 -12.28
C ASP A 312 21.92 -7.76 -11.72
N HIS A 313 22.58 -8.39 -10.75
CA HIS A 313 23.86 -7.93 -10.24
C HIS A 313 23.78 -6.55 -9.59
N GLY A 314 22.66 -6.29 -8.91
CA GLY A 314 22.52 -5.06 -8.13
C GLY A 314 21.91 -3.87 -8.84
N LYS A 315 21.57 -4.00 -10.12
CA LYS A 315 20.97 -2.88 -10.84
C LYS A 315 19.52 -2.62 -10.43
N THR A 316 18.72 -3.68 -10.38
CA THR A 316 17.35 -3.59 -9.91
C THR A 316 17.13 -4.51 -8.72
N TRP A 317 16.20 -4.10 -7.87
CA TRP A 317 15.89 -4.80 -6.62
C TRP A 317 14.38 -5.07 -6.51
N HIS A 318 14.03 -6.15 -5.81
CA HIS A 318 12.65 -6.54 -5.63
C HIS A 318 12.46 -6.99 -4.19
N ALA A 319 11.26 -6.80 -3.69
CA ALA A 319 10.95 -7.25 -2.33
C ALA A 319 10.41 -8.66 -2.39
N GLY A 320 10.99 -9.55 -1.58
CA GLY A 320 10.35 -10.85 -1.33
C GLY A 320 9.14 -10.67 -0.43
N GLU A 321 8.38 -11.74 -0.23
CA GLU A 321 7.25 -11.70 0.70
C GLU A 321 7.78 -11.74 2.13
N ALA A 322 6.99 -11.24 3.07
CA ALA A 322 7.38 -11.37 4.48
C ALA A 322 7.20 -12.81 4.96
N VAL A 323 8.05 -13.23 5.89
CA VAL A 323 7.80 -14.46 6.64
C VAL A 323 6.37 -14.45 7.22
N ASN A 324 5.94 -13.27 7.66
CA ASN A 324 4.66 -13.11 8.31
C ASN A 324 3.46 -13.02 7.36
N ASP A 325 3.69 -13.06 6.05
CA ASP A 325 2.57 -12.92 5.13
C ASP A 325 1.81 -14.25 5.01
N ASN A 326 0.52 -14.24 5.35
CA ASN A 326 -0.33 -15.43 5.35
C ASN A 326 0.26 -16.51 6.28
N ARG A 327 0.87 -16.07 7.38
CA ARG A 327 1.38 -16.96 8.41
C ARG A 327 0.26 -17.21 9.44
N GLN A 328 0.15 -18.45 9.92
CA GLN A 328 -0.83 -18.81 10.91
C GLN A 328 -0.22 -18.59 12.29
N VAL A 329 -0.87 -17.75 13.09
CA VAL A 329 -0.45 -17.42 14.45
C VAL A 329 -1.66 -17.59 15.35
N ASP A 330 -1.60 -18.50 16.32
CA ASP A 330 -2.75 -18.76 17.20
C ASP A 330 -4.01 -19.10 16.43
N GLY A 331 -3.88 -19.93 15.41
CA GLY A 331 -5.03 -20.41 14.66
C GLY A 331 -5.65 -19.38 13.73
N GLN A 332 -4.99 -18.22 13.56
CA GLN A 332 -5.51 -17.20 12.64
C GLN A 332 -4.41 -16.66 11.78
N LYS A 333 -4.75 -16.29 10.55
CA LYS A 333 -3.74 -15.81 9.62
C LYS A 333 -3.41 -14.37 9.94
N ILE A 334 -2.16 -14.00 9.71
CA ILE A 334 -1.77 -12.58 9.74
C ILE A 334 -1.12 -12.23 8.41
N HIS A 335 -0.87 -10.93 8.20
CA HIS A 335 -0.11 -10.44 7.07
C HIS A 335 0.74 -9.28 7.62
N SER A 336 1.94 -9.13 7.10
CA SER A 336 2.87 -8.06 7.57
C SER A 336 2.25 -6.67 7.44
N SER A 337 1.34 -6.51 6.47
CA SER A 337 0.75 -5.17 6.20
C SER A 337 -0.33 -4.78 7.21
N THR A 338 -0.83 -5.77 7.97
CA THR A 338 -2.02 -5.57 8.80
C THR A 338 -1.88 -6.11 10.23
N MET A 339 -0.78 -6.79 10.51
CA MET A 339 -0.69 -7.47 11.81
C MET A 339 -0.50 -6.47 12.94
N ASN A 340 -0.88 -6.93 14.13
CA ASN A 340 -0.66 -6.21 15.37
C ASN A 340 -0.53 -7.31 16.43
N ASN A 341 0.69 -7.82 16.53
CA ASN A 341 0.97 -8.98 17.40
C ASN A 341 2.41 -8.90 17.77
N ARG A 342 2.64 -8.40 18.98
CA ARG A 342 4.00 -8.17 19.46
C ARG A 342 4.90 -9.39 19.32
N ARG A 343 4.42 -10.57 19.75
CA ARG A 343 5.27 -11.75 19.82
C ARG A 343 5.43 -12.49 18.48
N ALA A 344 4.59 -12.14 17.50
CA ALA A 344 4.70 -12.67 16.14
C ALA A 344 5.68 -11.85 15.31
N GLN A 345 6.22 -10.78 15.89
CA GLN A 345 7.22 -9.99 15.17
C GLN A 345 8.50 -10.76 14.89
N ASN A 346 9.14 -10.38 13.78
CA ASN A 346 10.51 -10.80 13.53
C ASN A 346 11.21 -9.64 12.87
N THR A 347 12.44 -9.36 13.26
CA THR A 347 13.01 -8.06 12.94
C THR A 347 14.26 -8.24 12.09
N GLU A 348 15.42 -7.81 12.59
CA GLU A 348 16.69 -7.99 11.89
C GLU A 348 16.97 -9.49 11.74
N SER A 349 17.48 -9.87 10.59
CA SER A 349 17.72 -11.27 10.31
C SER A 349 19.03 -11.47 9.58
N THR A 350 19.46 -12.73 9.50
CA THR A 350 20.66 -13.08 8.78
C THR A 350 20.27 -14.28 7.93
N VAL A 351 20.84 -14.35 6.73
CA VAL A 351 20.33 -15.26 5.72
C VAL A 351 21.44 -16.20 5.24
N VAL A 352 21.10 -17.47 5.07
CA VAL A 352 22.06 -18.48 4.62
C VAL A 352 21.36 -19.40 3.60
N GLN A 353 22.05 -19.76 2.51
CA GLN A 353 21.56 -20.83 1.64
C GLN A 353 22.26 -22.16 1.94
N LEU A 354 21.47 -23.23 1.93
CA LEU A 354 21.97 -24.59 2.12
C LEU A 354 22.39 -25.19 0.79
N ASN A 355 23.13 -26.29 0.85
CA ASN A 355 23.54 -26.97 -0.39
C ASN A 355 22.36 -27.48 -1.20
N ASN A 356 21.26 -27.78 -0.52
CA ASN A 356 20.05 -28.29 -1.19
C ASN A 356 19.19 -27.19 -1.83
N GLY A 357 19.67 -25.94 -1.71
CA GLY A 357 19.03 -24.79 -2.34
C GLY A 357 18.13 -23.98 -1.42
N ASP A 358 17.72 -24.58 -0.30
CA ASP A 358 16.85 -23.88 0.67
C ASP A 358 17.55 -22.67 1.27
N VAL A 359 16.77 -21.63 1.56
CA VAL A 359 17.31 -20.43 2.21
C VAL A 359 16.77 -20.43 3.63
N LYS A 360 17.65 -20.24 4.61
CA LYS A 360 17.25 -20.15 6.02
C LYS A 360 17.37 -18.67 6.41
N LEU A 361 16.37 -18.16 7.11
CA LEU A 361 16.39 -16.79 7.63
C LEU A 361 16.28 -16.85 9.16
N PHE A 362 17.36 -16.48 9.83
CA PHE A 362 17.44 -16.49 11.27
C PHE A 362 17.04 -15.10 11.73
N MET A 363 15.99 -15.03 12.53
CA MET A 363 15.34 -13.74 12.78
C MET A 363 15.35 -13.34 14.24
N ARG A 364 15.78 -12.13 14.51
CA ARG A 364 15.64 -11.54 15.85
C ARG A 364 14.16 -11.45 16.22
N GLY A 365 13.82 -11.86 17.45
CA GLY A 365 12.44 -11.90 17.85
C GLY A 365 12.29 -11.94 19.36
N LEU A 366 11.07 -12.26 19.81
CA LEU A 366 10.70 -12.07 21.19
C LEU A 366 10.22 -13.35 21.87
N THR A 367 10.71 -14.49 21.39
CA THR A 367 10.40 -15.78 22.03
C THR A 367 11.45 -16.16 23.07
N GLY A 368 12.55 -15.42 23.12
CA GLY A 368 13.68 -15.79 23.98
C GLY A 368 14.62 -16.85 23.42
N ASP A 369 14.25 -17.46 22.27
CA ASP A 369 15.10 -18.42 21.59
C ASP A 369 15.14 -18.20 20.09
N LEU A 370 16.02 -18.95 19.42
CA LEU A 370 16.28 -18.78 17.99
C LEU A 370 15.09 -19.14 17.11
N GLN A 371 14.67 -18.19 16.28
CA GLN A 371 13.60 -18.40 15.31
C GLN A 371 14.13 -18.46 13.90
N VAL A 372 13.69 -19.46 13.14
CA VAL A 372 14.20 -19.69 11.79
C VAL A 372 13.09 -19.97 10.78
N ALA A 373 13.09 -19.21 9.68
CA ALA A 373 12.16 -19.44 8.57
C ALA A 373 12.91 -20.07 7.40
N THR A 374 12.17 -20.80 6.54
CA THR A 374 12.75 -21.46 5.38
C THR A 374 12.04 -21.08 4.10
N SER A 375 12.81 -20.83 3.06
CA SER A 375 12.27 -20.54 1.74
C SER A 375 12.83 -21.54 0.73
N LYS A 376 11.94 -22.13 -0.05
CA LYS A 376 12.33 -23.08 -1.07
C LYS A 376 12.42 -22.45 -2.46
N ASP A 377 12.13 -21.14 -2.56
CA ASP A 377 12.17 -20.48 -3.87
C ASP A 377 13.13 -19.29 -3.96
N GLY A 378 14.27 -19.40 -3.31
CA GLY A 378 15.29 -18.40 -3.40
C GLY A 378 14.93 -17.12 -2.65
N GLY A 379 14.11 -17.25 -1.60
CA GLY A 379 13.84 -16.13 -0.67
C GLY A 379 12.62 -15.28 -1.01
N VAL A 380 11.85 -15.71 -2.01
CA VAL A 380 10.64 -14.97 -2.39
C VAL A 380 9.46 -15.24 -1.48
N THR A 381 9.23 -16.51 -1.15
CA THR A 381 8.16 -16.87 -0.21
C THR A 381 8.71 -17.82 0.85
N TRP A 382 7.98 -17.93 1.97
CA TRP A 382 8.46 -18.68 3.12
C TRP A 382 7.51 -19.81 3.46
N GLU A 383 8.10 -20.92 3.93
CA GLU A 383 7.31 -22.06 4.41
C GLU A 383 6.42 -21.64 5.56
N LYS A 384 5.33 -22.36 5.76
CA LYS A 384 4.34 -21.98 6.78
C LYS A 384 4.84 -21.95 8.24
N ASP A 385 5.84 -22.74 8.57
CA ASP A 385 6.28 -22.80 9.96
C ASP A 385 7.60 -22.08 10.21
N ILE A 386 7.62 -21.28 11.27
CA ILE A 386 8.88 -20.77 11.80
C ILE A 386 9.34 -21.83 12.80
N LYS A 387 10.55 -22.33 12.60
CA LYS A 387 11.16 -23.27 13.53
C LYS A 387 11.81 -22.53 14.70
N ARG A 388 11.58 -23.00 15.93
CA ARG A 388 12.27 -22.44 17.08
C ARG A 388 13.30 -23.44 17.63
N TYR A 389 14.44 -22.94 18.10
CA TYR A 389 15.49 -23.75 18.71
C TYR A 389 15.82 -23.27 20.11
N PRO A 390 15.20 -23.89 21.12
CA PRO A 390 15.50 -23.57 22.52
C PRO A 390 16.98 -23.72 22.91
N GLN A 391 17.75 -24.44 22.08
CA GLN A 391 19.18 -24.67 22.30
C GLN A 391 19.97 -23.37 22.19
N VAL A 392 19.43 -22.40 21.47
CA VAL A 392 20.09 -21.11 21.24
C VAL A 392 19.20 -19.99 21.77
N LYS A 393 19.67 -19.26 22.78
CA LYS A 393 18.90 -18.15 23.32
C LYS A 393 18.98 -16.96 22.35
N ASP A 394 17.93 -16.15 22.35
CA ASP A 394 17.87 -14.90 21.62
C ASP A 394 17.38 -13.85 22.59
N VAL A 395 18.26 -12.96 23.03
CA VAL A 395 17.89 -11.93 24.01
C VAL A 395 17.33 -10.66 23.36
N TYR A 396 16.89 -10.81 22.11
CA TYR A 396 16.36 -9.72 21.27
C TYR A 396 17.45 -8.76 20.84
N VAL A 397 18.34 -9.28 19.99
CA VAL A 397 19.49 -8.53 19.49
C VAL A 397 19.86 -9.16 18.16
N GLN A 398 20.55 -8.40 17.33
CA GLN A 398 20.99 -8.86 16.03
C GLN A 398 21.92 -10.07 16.17
N MET A 399 21.95 -10.89 15.13
CA MET A 399 22.83 -12.04 15.07
C MET A 399 23.40 -12.18 13.65
N SER A 400 24.41 -13.03 13.47
CA SER A 400 24.91 -13.32 12.14
C SER A 400 25.09 -14.82 12.04
N ALA A 401 24.93 -15.34 10.82
CA ALA A 401 25.12 -16.76 10.62
C ALA A 401 25.68 -16.95 9.25
N ILE A 402 26.56 -17.96 9.13
CA ILE A 402 27.16 -18.28 7.84
C ILE A 402 27.18 -19.79 7.58
N HIS A 403 27.11 -20.12 6.30
CA HIS A 403 27.30 -21.49 5.83
C HIS A 403 28.77 -21.87 5.90
N THR A 404 29.04 -23.12 6.28
CA THR A 404 30.40 -23.62 6.18
C THR A 404 30.41 -25.13 5.93
N MET A 405 31.47 -25.59 5.27
CA MET A 405 31.70 -27.01 5.02
C MET A 405 32.88 -27.43 5.89
N HIS A 406 32.77 -28.57 6.56
CA HIS A 406 33.92 -29.09 7.29
C HIS A 406 34.02 -30.58 7.05
N GLU A 407 35.11 -30.97 6.38
CA GLU A 407 35.41 -32.37 6.09
C GLU A 407 34.23 -33.04 5.39
N GLY A 408 33.82 -32.42 4.29
CA GLY A 408 32.70 -32.88 3.47
C GLY A 408 31.32 -32.70 4.07
N LYS A 409 31.24 -32.28 5.33
CA LYS A 409 29.97 -32.10 6.02
C LYS A 409 29.54 -30.62 6.09
N GLU A 410 28.23 -30.41 6.09
CA GLU A 410 27.62 -29.08 6.00
C GLU A 410 27.19 -28.54 7.35
N TYR A 411 27.59 -27.30 7.66
CA TYR A 411 27.30 -26.71 8.97
C TYR A 411 26.81 -25.27 8.84
N ILE A 412 26.22 -24.75 9.91
CA ILE A 412 25.98 -23.31 10.04
C ILE A 412 26.58 -22.84 11.36
N ILE A 413 27.34 -21.73 11.28
CA ILE A 413 27.89 -21.09 12.46
C ILE A 413 27.05 -19.84 12.70
N LEU A 414 26.58 -19.65 13.93
CA LEU A 414 25.75 -18.50 14.28
C LEU A 414 26.27 -17.84 15.54
N SER A 415 26.44 -16.52 15.50
CA SER A 415 26.96 -15.84 16.69
C SER A 415 25.95 -14.84 17.20
N ASN A 416 25.76 -14.83 18.51
CA ASN A 416 24.93 -13.81 19.17
C ASN A 416 25.24 -13.79 20.66
N ALA A 417 24.60 -12.84 21.35
CA ALA A 417 24.69 -12.75 22.81
C ALA A 417 24.14 -13.99 23.52
N GLY A 418 24.87 -14.47 24.52
CA GLY A 418 24.44 -15.61 25.32
C GLY A 418 23.43 -15.23 26.40
N GLY A 419 23.49 -13.98 26.86
CA GLY A 419 22.56 -13.52 27.87
C GLY A 419 23.13 -13.62 29.28
N PRO A 420 22.32 -13.28 30.30
CA PRO A 420 20.91 -12.89 30.15
C PRO A 420 20.63 -11.57 29.42
N LYS A 421 21.58 -10.64 29.43
CA LYS A 421 21.40 -9.40 28.70
C LYS A 421 22.25 -9.42 27.43
N ARG A 422 22.64 -8.24 26.92
CA ARG A 422 23.55 -8.21 25.76
C ARG A 422 24.96 -8.39 26.25
N GLU A 423 25.32 -9.65 26.49
CA GLU A 423 26.57 -10.01 27.13
C GLU A 423 26.91 -11.45 26.81
N ASN A 424 28.15 -11.83 27.07
CA ASN A 424 28.63 -13.21 26.87
C ASN A 424 28.42 -13.71 25.46
N GLY A 425 29.20 -13.14 24.54
CA GLY A 425 29.22 -13.51 23.13
C GLY A 425 29.43 -15.00 22.92
N MET A 426 28.55 -15.57 22.10
CA MET A 426 28.57 -17.00 21.87
C MET A 426 28.74 -17.29 20.39
N VAL A 427 29.43 -18.38 20.09
CA VAL A 427 29.44 -18.91 18.76
C VAL A 427 28.79 -20.30 18.81
N HIS A 428 27.70 -20.45 18.08
CA HIS A 428 26.90 -21.67 18.05
C HIS A 428 27.17 -22.43 16.74
N LEU A 429 27.31 -23.75 16.83
CA LEU A 429 27.57 -24.58 15.65
C LEU A 429 26.42 -25.55 15.43
N ALA A 430 25.84 -25.54 14.23
CA ALA A 430 24.75 -26.45 13.92
C ALA A 430 25.16 -27.32 12.75
N ARG A 431 24.81 -28.61 12.83
CA ARG A 431 24.92 -29.45 11.65
C ARG A 431 23.66 -29.28 10.82
N VAL A 432 23.84 -29.14 9.50
CA VAL A 432 22.71 -29.13 8.57
C VAL A 432 22.46 -30.58 8.17
N GLU A 433 21.31 -31.06 8.59
CA GLU A 433 20.93 -32.45 8.36
C GLU A 433 20.46 -32.66 6.92
N GLU A 434 20.35 -33.93 6.51
CA GLU A 434 19.99 -34.25 5.12
C GLU A 434 18.60 -33.77 4.69
N ASN A 435 17.71 -33.49 5.65
CA ASN A 435 16.40 -32.93 5.33
C ASN A 435 16.35 -31.41 5.51
N GLY A 436 17.50 -30.80 5.77
CA GLY A 436 17.60 -29.35 5.89
C GLY A 436 17.32 -28.83 7.29
N GLU A 437 16.92 -29.71 8.20
CA GLU A 437 16.79 -29.33 9.60
C GLU A 437 18.17 -29.01 10.19
N LEU A 438 18.17 -28.33 11.33
CA LEU A 438 19.42 -28.00 12.02
C LEU A 438 19.54 -28.72 13.35
N THR A 439 20.75 -29.18 13.66
CA THR A 439 21.07 -29.78 14.95
C THR A 439 22.19 -29.00 15.63
N TRP A 440 21.86 -28.33 16.74
CA TRP A 440 22.83 -27.55 17.50
C TRP A 440 23.74 -28.47 18.30
N LEU A 441 25.04 -28.36 17.99
CA LEU A 441 26.07 -29.28 18.49
C LEU A 441 26.95 -28.65 19.54
N LYS A 442 27.34 -27.40 19.33
CA LYS A 442 28.31 -26.73 20.21
C LYS A 442 27.93 -25.28 20.46
N HIS A 443 28.25 -24.80 21.66
CA HIS A 443 27.98 -23.42 22.05
C HIS A 443 29.17 -22.92 22.84
N ASN A 444 29.93 -22.01 22.26
CA ASN A 444 31.17 -21.55 22.89
C ASN A 444 31.31 -20.04 23.04
N PRO A 445 31.75 -19.59 24.24
CA PRO A 445 31.94 -18.16 24.49
C PRO A 445 33.13 -17.63 23.69
N ILE A 446 32.95 -16.43 23.16
CA ILE A 446 33.98 -15.79 22.35
C ILE A 446 34.34 -14.44 22.97
N GLN A 447 33.46 -13.92 23.82
CA GLN A 447 33.68 -12.62 24.44
C GLN A 447 32.85 -12.47 25.72
N LYS A 448 33.56 -12.38 26.84
CA LYS A 448 32.90 -12.17 28.13
C LYS A 448 32.55 -10.70 28.22
N GLY A 449 31.58 -10.41 29.07
CA GLY A 449 31.12 -9.06 29.27
C GLY A 449 30.17 -8.62 28.17
N GLU A 450 30.19 -7.34 27.85
CA GLU A 450 29.24 -6.79 26.90
C GLU A 450 29.42 -7.37 25.51
N PHE A 451 28.30 -7.70 24.87
CA PHE A 451 28.35 -8.26 23.52
C PHE A 451 27.01 -7.99 22.86
N ALA A 452 27.04 -7.37 21.68
CA ALA A 452 25.79 -7.11 20.98
C ALA A 452 25.86 -7.55 19.51
N TYR A 453 25.78 -6.60 18.57
CA TYR A 453 25.74 -6.98 17.15
C TYR A 453 27.09 -7.57 16.68
N ASN A 454 27.03 -8.40 15.63
CA ASN A 454 28.24 -9.06 15.17
C ASN A 454 28.06 -9.54 13.75
N SER A 455 29.18 -9.83 13.09
CA SER A 455 29.15 -10.28 11.71
C SER A 455 30.28 -11.29 11.50
N LEU A 456 29.91 -12.48 11.04
CA LEU A 456 30.83 -13.61 10.82
C LEU A 456 31.23 -13.72 9.36
N GLN A 457 32.45 -14.20 9.10
CA GLN A 457 32.88 -14.51 7.74
C GLN A 457 33.80 -15.73 7.77
N GLU A 458 33.68 -16.60 6.77
CA GLU A 458 34.73 -17.62 6.56
C GLU A 458 35.96 -16.94 6.00
N LEU A 459 37.14 -17.30 6.50
CA LEU A 459 38.37 -16.73 5.97
C LEU A 459 39.16 -17.73 5.11
N GLY A 460 38.77 -18.99 5.14
CA GLY A 460 39.51 -20.05 4.43
C GLY A 460 40.43 -20.81 5.36
N ASN A 461 40.86 -21.99 4.91
CA ASN A 461 41.79 -22.83 5.66
C ASN A 461 41.35 -23.13 7.08
N GLY A 462 40.06 -23.40 7.24
CA GLY A 462 39.46 -23.69 8.55
C GLY A 462 39.41 -22.51 9.51
N GLU A 463 39.57 -21.28 9.01
CA GLU A 463 39.52 -20.11 9.88
C GLU A 463 38.29 -19.25 9.61
N TYR A 464 37.82 -18.59 10.66
CA TYR A 464 36.63 -17.74 10.59
C TYR A 464 36.97 -16.45 11.28
N GLY A 465 36.29 -15.38 10.90
CA GLY A 465 36.51 -14.10 11.51
C GLY A 465 35.18 -13.56 11.99
N ILE A 466 35.25 -12.72 13.00
CA ILE A 466 34.06 -12.08 13.51
C ILE A 466 34.39 -10.64 13.88
N LEU A 467 33.47 -9.74 13.55
CA LEU A 467 33.54 -8.35 13.94
C LEU A 467 32.34 -8.12 14.87
N TYR A 468 32.57 -7.60 16.07
CA TYR A 468 31.49 -7.54 17.05
C TYR A 468 31.51 -6.33 17.98
N GLU A 469 30.32 -6.02 18.50
CA GLU A 469 30.14 -4.96 19.49
C GLU A 469 30.45 -5.44 20.90
N HIS A 470 31.33 -4.70 21.58
CA HIS A 470 31.73 -4.98 22.97
C HIS A 470 32.24 -3.69 23.60
N THR A 471 32.18 -3.60 24.93
CA THR A 471 32.79 -2.49 25.66
C THR A 471 33.48 -3.00 26.92
N GLU A 472 34.54 -2.28 27.31
CA GLU A 472 35.24 -2.51 28.56
C GLU A 472 35.98 -1.23 28.90
N LYS A 473 36.39 -1.09 30.16
CA LYS A 473 37.24 0.04 30.58
C LYS A 473 36.62 1.40 30.26
N GLY A 474 35.33 1.54 30.60
CA GLY A 474 34.58 2.77 30.37
C GLY A 474 34.24 3.12 28.93
N GLN A 475 34.57 2.24 27.98
CA GLN A 475 34.29 2.50 26.56
C GLN A 475 32.81 2.76 26.34
N ASN A 476 32.49 3.73 25.48
CA ASN A 476 31.10 3.98 25.11
C ASN A 476 30.58 2.87 24.20
N ALA A 477 29.28 2.63 24.23
CA ALA A 477 28.66 1.66 23.32
C ALA A 477 28.81 2.14 21.88
N TYR A 478 29.50 1.40 21.01
CA TYR A 478 30.37 0.28 21.33
C TYR A 478 31.72 0.50 20.68
N THR A 479 32.69 -0.31 21.07
CA THR A 479 33.92 -0.51 20.30
C THR A 479 33.69 -1.78 19.49
N LEU A 480 34.05 -1.75 18.21
CA LEU A 480 33.90 -2.91 17.33
C LEU A 480 35.24 -3.59 17.17
N SER A 481 35.29 -4.84 17.60
CA SER A 481 36.54 -5.59 17.64
C SER A 481 36.45 -6.85 16.79
N PHE A 482 37.63 -7.37 16.43
CA PHE A 482 37.77 -8.47 15.50
C PHE A 482 38.54 -9.60 16.16
N ARG A 483 38.09 -10.83 15.96
CA ARG A 483 38.84 -12.03 16.37
C ARG A 483 38.79 -13.04 15.25
N LYS A 484 39.80 -13.91 15.21
CA LYS A 484 39.79 -15.10 14.34
C LYS A 484 39.71 -16.36 15.20
N PHE A 485 39.03 -17.37 14.66
CA PHE A 485 38.98 -18.65 15.34
C PHE A 485 39.00 -19.77 14.32
N ASN A 486 39.30 -20.97 14.80
CA ASN A 486 39.36 -22.13 13.91
C ASN A 486 38.43 -23.23 14.39
N TRP A 487 38.48 -24.37 13.70
CA TRP A 487 37.58 -25.49 14.00
C TRP A 487 37.74 -26.04 15.42
N GLU A 488 38.97 -26.01 15.94
CA GLU A 488 39.23 -26.42 17.33
C GLU A 488 38.48 -25.56 18.33
N PHE A 489 38.31 -24.28 18.03
CA PHE A 489 37.52 -23.43 18.90
C PHE A 489 36.05 -23.87 18.83
N LEU A 490 35.57 -24.13 17.62
CA LEU A 490 34.18 -24.50 17.38
C LEU A 490 33.75 -25.82 18.04
N SER A 491 34.71 -26.74 18.19
CA SER A 491 34.42 -28.09 18.65
C SER A 491 34.46 -28.28 20.17
N LYS A 492 34.97 -27.27 20.88
CA LYS A 492 35.10 -27.33 22.35
C LYS A 492 33.76 -27.59 23.05
N ALA B 23 -45.25 21.42 -13.51
CA ALA B 23 -43.91 21.84 -12.97
C ALA B 23 -43.21 20.68 -12.24
N LEU B 24 -44.00 19.79 -11.65
CA LEU B 24 -43.50 18.57 -11.02
C LEU B 24 -44.48 17.41 -11.25
N THR B 25 -44.06 16.38 -11.98
CA THR B 25 -44.91 15.20 -12.18
C THR B 25 -45.22 14.46 -10.87
N GLU B 26 -46.28 13.66 -10.88
CA GLU B 26 -46.53 12.71 -9.79
C GLU B 26 -45.45 11.63 -9.87
N LYS B 27 -45.18 10.96 -8.75
CA LYS B 27 -44.18 9.90 -8.76
C LYS B 27 -44.61 8.68 -9.57
N THR B 28 -43.66 8.10 -10.27
CA THR B 28 -43.86 6.87 -11.02
C THR B 28 -42.86 5.88 -10.47
N ASP B 29 -43.36 4.73 -9.99
CA ASP B 29 -42.50 3.73 -9.38
C ASP B 29 -41.82 2.88 -10.44
N ILE B 30 -40.49 2.83 -10.36
CA ILE B 30 -39.67 2.22 -11.40
C ILE B 30 -39.20 0.84 -10.97
N PHE B 31 -38.83 0.73 -9.69
CA PHE B 31 -38.43 -0.51 -9.06
C PHE B 31 -39.18 -0.61 -7.75
N GLU B 32 -40.09 -1.56 -7.66
CA GLU B 32 -41.03 -1.62 -6.54
C GLU B 32 -40.61 -2.67 -5.52
N SER B 33 -40.41 -2.25 -4.27
CA SER B 33 -40.07 -3.17 -3.19
C SER B 33 -41.31 -3.93 -2.70
N GLY B 34 -41.08 -4.97 -1.89
CA GLY B 34 -42.17 -5.65 -1.19
C GLY B 34 -42.71 -4.81 -0.05
N ARG B 35 -43.69 -5.34 0.66
CA ARG B 35 -44.33 -4.62 1.76
C ARG B 35 -44.27 -5.39 3.06
N ASN B 36 -44.26 -4.65 4.16
CA ASN B 36 -44.21 -5.19 5.53
C ASN B 36 -43.23 -6.33 5.76
N GLY B 37 -42.06 -6.23 5.14
CA GLY B 37 -41.01 -7.21 5.30
C GLY B 37 -41.11 -8.43 4.38
N ASN B 38 -42.08 -8.44 3.46
CA ASN B 38 -42.28 -9.59 2.56
C ASN B 38 -41.71 -9.33 1.17
N PRO B 39 -41.42 -10.41 0.41
CA PRO B 39 -41.05 -10.21 -0.98
C PRO B 39 -42.18 -9.60 -1.80
N ASN B 40 -41.82 -8.85 -2.84
CA ASN B 40 -42.81 -8.40 -3.82
C ASN B 40 -43.25 -9.57 -4.69
N LYS B 41 -44.10 -9.31 -5.67
CA LYS B 41 -44.66 -10.38 -6.53
C LYS B 41 -43.60 -11.14 -7.33
N ASP B 42 -42.46 -10.49 -7.58
CA ASP B 42 -41.32 -11.11 -8.28
C ASP B 42 -40.39 -11.86 -7.31
N GLY B 43 -40.73 -11.85 -6.02
CA GLY B 43 -39.94 -12.54 -5.00
C GLY B 43 -38.75 -11.69 -4.52
N ILE B 44 -38.86 -10.39 -4.72
CA ILE B 44 -37.79 -9.43 -4.36
C ILE B 44 -38.25 -8.54 -3.22
N LYS B 45 -37.51 -8.56 -2.12
CA LYS B 45 -37.86 -7.71 -0.98
C LYS B 45 -37.56 -6.26 -1.22
N SER B 46 -36.39 -5.96 -1.78
CA SER B 46 -35.87 -4.60 -1.76
C SER B 46 -35.21 -4.17 -3.06
N TYR B 47 -35.34 -2.88 -3.39
CA TYR B 47 -34.47 -2.25 -4.38
C TYR B 47 -33.75 -1.11 -3.68
N ARG B 48 -32.50 -0.88 -4.06
CA ARG B 48 -31.76 0.20 -3.47
C ARG B 48 -30.79 0.77 -4.49
N ILE B 49 -30.35 1.99 -4.23
CA ILE B 49 -29.19 2.57 -4.88
C ILE B 49 -29.45 2.94 -6.33
N PRO B 50 -30.27 3.99 -6.55
CA PRO B 50 -30.60 4.47 -7.88
C PRO B 50 -29.45 5.12 -8.65
N ALA B 51 -29.43 4.90 -9.95
CA ALA B 51 -28.59 5.63 -10.87
C ALA B 51 -29.45 6.00 -12.07
N LEU B 52 -29.36 7.26 -12.50
CA LEU B 52 -30.13 7.72 -13.66
C LEU B 52 -29.24 8.28 -14.76
N LEU B 53 -29.43 7.80 -15.98
CA LEU B 53 -28.58 8.20 -17.10
C LEU B 53 -29.39 8.60 -18.32
N LYS B 54 -29.32 9.87 -18.69
CA LYS B 54 -29.82 10.35 -19.99
C LYS B 54 -28.77 10.11 -21.07
N THR B 55 -29.09 9.28 -22.03
CA THR B 55 -28.12 8.92 -23.09
C THR B 55 -28.13 9.92 -24.25
N ASP B 56 -27.22 9.70 -25.21
CA ASP B 56 -27.11 10.52 -26.41
C ASP B 56 -28.33 10.36 -27.33
N LYS B 57 -28.92 9.17 -27.35
CA LYS B 57 -30.16 8.91 -28.09
C LYS B 57 -31.38 9.55 -27.41
N GLY B 58 -31.21 9.97 -26.15
CA GLY B 58 -32.30 10.55 -25.38
C GLY B 58 -32.95 9.58 -24.42
N THR B 59 -32.61 8.31 -24.52
CA THR B 59 -33.09 7.26 -23.61
C THR B 59 -32.74 7.58 -22.15
N LEU B 60 -33.66 7.28 -21.23
CA LEU B 60 -33.34 7.26 -19.80
C LEU B 60 -33.05 5.82 -19.37
N ILE B 61 -31.92 5.65 -18.69
CA ILE B 61 -31.56 4.36 -18.09
C ILE B 61 -31.62 4.54 -16.58
N ALA B 62 -32.46 3.73 -15.93
CA ALA B 62 -32.58 3.76 -14.48
C ALA B 62 -31.97 2.48 -13.96
N GLY B 63 -30.93 2.62 -13.13
CA GLY B 63 -30.31 1.42 -12.53
C GLY B 63 -30.53 1.30 -11.04
N ALA B 64 -30.41 0.08 -10.52
CA ALA B 64 -30.59 -0.16 -9.09
C ALA B 64 -29.94 -1.46 -8.72
N ASP B 65 -29.76 -1.66 -7.41
CA ASP B 65 -29.54 -2.97 -6.81
C ASP B 65 -30.88 -3.65 -6.67
N GLU B 66 -30.98 -4.87 -7.18
CA GLU B 66 -32.18 -5.68 -6.95
C GLU B 66 -31.87 -6.64 -5.82
N ARG B 67 -32.35 -6.28 -4.63
CA ARG B 67 -31.95 -6.94 -3.40
C ARG B 67 -33.03 -7.95 -3.03
N ARG B 68 -32.84 -9.17 -3.50
CA ARG B 68 -33.89 -10.19 -3.42
C ARG B 68 -34.33 -10.56 -2.00
N LEU B 69 -33.37 -10.82 -1.11
CA LEU B 69 -33.67 -11.46 0.17
C LEU B 69 -33.92 -10.51 1.33
N HIS B 70 -33.50 -9.26 1.18
CA HIS B 70 -33.55 -8.26 2.26
C HIS B 70 -32.90 -6.96 1.77
N SER B 71 -32.96 -5.92 2.61
CA SER B 71 -32.56 -4.59 2.19
C SER B 71 -31.06 -4.28 2.41
N SER B 72 -30.33 -5.18 3.06
CA SER B 72 -28.94 -4.91 3.44
C SER B 72 -27.97 -5.04 2.27
N ASP B 73 -26.75 -4.53 2.47
CA ASP B 73 -25.71 -4.42 1.43
C ASP B 73 -24.95 -5.73 1.24
N TRP B 74 -25.72 -6.80 1.14
CA TRP B 74 -25.18 -8.12 0.90
C TRP B 74 -26.34 -9.04 0.56
N GLY B 75 -26.04 -10.32 0.38
CA GLY B 75 -27.05 -11.31 -0.04
C GLY B 75 -27.01 -11.52 -1.53
N ASP B 76 -28.13 -11.99 -2.07
CA ASP B 76 -28.29 -12.25 -3.48
C ASP B 76 -28.79 -10.97 -4.15
N ILE B 77 -27.90 -10.28 -4.85
CA ILE B 77 -28.23 -8.98 -5.43
C ILE B 77 -27.90 -8.96 -6.92
N GLY B 78 -28.83 -8.50 -7.73
CA GLY B 78 -28.53 -8.32 -9.15
C GLY B 78 -28.39 -6.84 -9.49
N MET B 79 -27.52 -6.54 -10.46
N MET B 79 -27.48 -6.54 -10.42
CA MET B 79 -27.38 -5.17 -10.95
CA MET B 79 -27.37 -5.19 -10.97
C MET B 79 -28.27 -5.02 -12.19
C MET B 79 -28.34 -5.12 -12.14
N VAL B 80 -29.31 -4.20 -12.06
CA VAL B 80 -30.36 -4.11 -13.07
C VAL B 80 -30.57 -2.69 -13.57
N ILE B 81 -31.13 -2.59 -14.77
CA ILE B 81 -31.61 -1.31 -15.29
C ILE B 81 -32.97 -1.49 -16.00
N ARG B 82 -33.68 -0.38 -16.18
CA ARG B 82 -34.82 -0.30 -17.08
C ARG B 82 -34.61 0.90 -17.99
N ARG B 83 -35.08 0.78 -19.23
CA ARG B 83 -34.94 1.84 -20.22
C ARG B 83 -36.29 2.54 -20.44
N SER B 84 -36.24 3.86 -20.62
CA SER B 84 -37.41 4.62 -21.05
C SER B 84 -37.05 5.42 -22.27
N GLU B 85 -37.81 5.20 -23.35
CA GLU B 85 -37.54 5.84 -24.64
C GLU B 85 -38.45 7.04 -24.90
N ASP B 86 -39.20 7.47 -23.87
CA ASP B 86 -40.10 8.61 -23.99
C ASP B 86 -39.99 9.55 -22.78
N ASN B 87 -38.78 9.71 -22.27
CA ASN B 87 -38.49 10.58 -21.12
C ASN B 87 -39.21 10.31 -19.81
N GLY B 88 -39.34 9.03 -19.46
CA GLY B 88 -39.80 8.64 -18.14
C GLY B 88 -41.28 8.33 -18.08
N LYS B 89 -41.95 8.41 -19.24
CA LYS B 89 -43.38 8.11 -19.35
C LYS B 89 -43.64 6.60 -19.27
N THR B 90 -42.98 5.84 -20.15
CA THR B 90 -43.05 4.39 -20.12
C THR B 90 -41.65 3.78 -19.96
N TRP B 91 -41.59 2.63 -19.29
CA TRP B 91 -40.34 1.95 -18.99
C TRP B 91 -40.40 0.51 -19.46
N GLY B 92 -39.31 0.03 -20.07
CA GLY B 92 -39.26 -1.35 -20.59
C GLY B 92 -39.04 -2.39 -19.51
N ASP B 93 -38.78 -3.63 -19.94
CA ASP B 93 -38.50 -4.72 -18.99
C ASP B 93 -37.17 -4.48 -18.31
N ARG B 94 -37.02 -5.09 -17.13
CA ARG B 94 -35.74 -5.06 -16.41
C ARG B 94 -34.69 -5.81 -17.20
N VAL B 95 -33.50 -5.23 -17.25
CA VAL B 95 -32.37 -5.87 -17.92
C VAL B 95 -31.35 -6.14 -16.80
N THR B 96 -30.93 -7.38 -16.65
CA THR B 96 -29.97 -7.72 -15.60
C THR B 96 -28.55 -7.70 -16.18
N ILE B 97 -27.75 -6.78 -15.67
CA ILE B 97 -26.36 -6.60 -16.10
C ILE B 97 -25.55 -7.77 -15.56
N THR B 98 -25.66 -8.00 -14.26
CA THR B 98 -24.82 -8.99 -13.60
C THR B 98 -25.58 -9.53 -12.41
N ASN B 99 -25.54 -10.85 -12.25
CA ASN B 99 -26.14 -11.49 -11.09
C ASN B 99 -25.38 -12.77 -10.80
N LEU B 100 -24.41 -12.68 -9.90
CA LEU B 100 -23.63 -13.85 -9.52
C LEU B 100 -24.51 -14.88 -8.82
N ARG B 101 -24.27 -16.15 -9.09
CA ARG B 101 -25.10 -17.20 -8.46
C ARG B 101 -24.79 -17.36 -6.98
N ASP B 102 -25.80 -17.74 -6.21
CA ASP B 102 -25.60 -17.93 -4.79
C ASP B 102 -24.79 -19.20 -4.48
N ASN B 103 -24.26 -19.29 -3.27
CA ASN B 103 -23.66 -20.54 -2.82
C ASN B 103 -24.79 -21.46 -2.33
N PRO B 104 -25.08 -22.54 -3.07
CA PRO B 104 -26.25 -23.34 -2.69
C PRO B 104 -26.06 -24.08 -1.37
N LYS B 105 -24.82 -24.11 -0.88
CA LYS B 105 -24.46 -24.81 0.35
C LYS B 105 -24.28 -23.91 1.57
N ALA B 106 -24.43 -22.59 1.41
CA ALA B 106 -24.29 -21.67 2.55
C ALA B 106 -25.35 -21.95 3.61
N SER B 107 -24.94 -21.91 4.88
CA SER B 107 -25.84 -22.15 6.01
C SER B 107 -26.85 -21.02 6.20
N ASP B 108 -26.43 -19.80 5.85
CA ASP B 108 -27.26 -18.61 6.02
C ASP B 108 -27.40 -17.94 4.66
N PRO B 109 -28.50 -18.23 3.96
CA PRO B 109 -28.66 -17.67 2.61
C PRO B 109 -28.66 -16.13 2.56
N SER B 110 -28.95 -15.47 3.67
N SER B 110 -28.95 -15.47 3.69
CA SER B 110 -28.98 -13.99 3.71
CA SER B 110 -28.97 -14.00 3.77
C SER B 110 -27.58 -13.37 3.54
C SER B 110 -27.58 -13.39 3.50
N ILE B 111 -26.54 -14.15 3.80
CA ILE B 111 -25.15 -13.74 3.53
C ILE B 111 -24.48 -14.81 2.65
N GLY B 112 -25.31 -15.52 1.90
CA GLY B 112 -24.89 -16.76 1.25
C GLY B 112 -24.49 -16.64 -0.21
N SER B 113 -24.38 -15.41 -0.70
CA SER B 113 -24.05 -15.20 -2.12
C SER B 113 -22.88 -14.23 -2.30
N PRO B 114 -22.04 -14.45 -3.33
CA PRO B 114 -21.16 -13.39 -3.79
C PRO B 114 -22.04 -12.19 -4.06
N VAL B 115 -21.51 -11.01 -3.79
CA VAL B 115 -22.27 -9.78 -3.77
C VAL B 115 -21.81 -8.79 -4.83
N ASN B 116 -22.77 -8.14 -5.49
CA ASN B 116 -22.50 -6.88 -6.18
C ASN B 116 -23.44 -5.88 -5.59
N ILE B 117 -22.96 -4.67 -5.36
CA ILE B 117 -23.81 -3.58 -4.88
C ILE B 117 -23.25 -2.26 -5.41
N ASP B 118 -24.15 -1.27 -5.51
CA ASP B 118 -23.80 0.14 -5.70
C ASP B 118 -23.21 0.44 -7.06
N MET B 119 -24.02 0.97 -7.98
CA MET B 119 -23.49 1.26 -9.31
C MET B 119 -23.32 2.75 -9.59
N VAL B 120 -22.41 3.05 -10.50
CA VAL B 120 -22.32 4.39 -11.11
C VAL B 120 -22.49 4.16 -12.61
N LEU B 121 -23.39 4.93 -13.23
CA LEU B 121 -23.56 4.93 -14.69
C LEU B 121 -22.91 6.14 -15.34
N VAL B 122 -22.41 5.97 -16.55
CA VAL B 122 -21.88 7.09 -17.34
C VAL B 122 -21.77 6.68 -18.80
N GLN B 123 -21.97 7.65 -19.69
CA GLN B 123 -21.73 7.40 -21.11
C GLN B 123 -20.60 8.26 -21.64
N ASP B 124 -19.74 7.62 -22.42
CA ASP B 124 -18.72 8.32 -23.17
C ASP B 124 -19.41 9.01 -24.35
N PRO B 125 -19.31 10.35 -24.42
CA PRO B 125 -20.10 11.08 -25.42
C PRO B 125 -19.52 10.92 -26.82
N GLU B 126 -18.26 10.50 -26.90
CA GLU B 126 -17.59 10.28 -28.16
C GLU B 126 -17.83 8.88 -28.73
N THR B 127 -17.66 7.85 -27.91
CA THR B 127 -17.79 6.46 -28.38
C THR B 127 -19.21 5.93 -28.16
N LYS B 128 -19.99 6.66 -27.36
CA LYS B 128 -21.38 6.29 -27.00
C LYS B 128 -21.47 5.04 -26.09
N ARG B 129 -20.33 4.47 -25.76
CA ARG B 129 -20.31 3.33 -24.85
C ARG B 129 -20.83 3.77 -23.48
N ILE B 130 -21.66 2.92 -22.88
CA ILE B 130 -22.27 3.21 -21.58
C ILE B 130 -21.63 2.27 -20.55
N PHE B 131 -21.20 2.83 -19.42
CA PHE B 131 -20.50 2.08 -18.38
C PHE B 131 -21.34 1.96 -17.13
N SER B 132 -21.33 0.77 -16.55
CA SER B 132 -21.87 0.56 -15.22
C SER B 132 -20.71 0.03 -14.37
N ILE B 133 -20.34 0.79 -13.34
CA ILE B 133 -19.21 0.39 -12.46
C ILE B 133 -19.77 0.19 -11.06
N TYR B 134 -19.43 -0.94 -10.45
CA TYR B 134 -20.07 -1.34 -9.18
C TYR B 134 -19.14 -2.21 -8.34
N ASP B 135 -19.50 -2.36 -7.08
CA ASP B 135 -18.67 -3.14 -6.17
C ASP B 135 -18.91 -4.63 -6.33
N MET B 136 -17.91 -5.41 -5.94
CA MET B 136 -18.06 -6.85 -5.86
C MET B 136 -17.31 -7.31 -4.60
N PHE B 137 -17.95 -8.21 -3.86
CA PHE B 137 -17.36 -8.99 -2.77
C PHE B 137 -17.67 -10.47 -2.95
N PRO B 138 -16.73 -11.37 -2.57
CA PRO B 138 -17.06 -12.80 -2.55
C PRO B 138 -18.06 -13.07 -1.44
N GLU B 139 -18.59 -14.29 -1.41
CA GLU B 139 -19.68 -14.66 -0.52
C GLU B 139 -19.42 -14.21 0.91
N GLY B 140 -20.45 -13.61 1.52
CA GLY B 140 -20.36 -13.19 2.92
C GLY B 140 -21.16 -11.92 3.09
N LYS B 141 -20.92 -11.24 4.21
CA LYS B 141 -21.72 -10.11 4.59
C LYS B 141 -21.21 -8.86 3.90
N GLY B 142 -21.05 -8.93 2.58
CA GLY B 142 -20.60 -7.76 1.82
C GLY B 142 -19.28 -7.22 2.34
N ILE B 143 -19.22 -5.91 2.56
CA ILE B 143 -18.00 -5.29 3.04
C ILE B 143 -17.63 -5.87 4.41
N PHE B 144 -18.63 -6.29 5.18
CA PHE B 144 -18.37 -6.84 6.52
C PHE B 144 -17.84 -8.26 6.48
N GLY B 145 -17.77 -8.85 5.28
CA GLY B 145 -17.15 -10.16 5.08
C GLY B 145 -15.69 -10.13 4.67
N MET B 146 -15.12 -8.93 4.51
CA MET B 146 -13.69 -8.81 4.23
C MET B 146 -12.86 -9.41 5.36
N SER B 147 -11.76 -10.05 4.98
CA SER B 147 -10.82 -10.64 5.96
C SER B 147 -10.29 -9.58 6.93
N SER B 148 -10.09 -9.99 8.18
CA SER B 148 -9.62 -9.04 9.17
C SER B 148 -8.15 -8.70 8.96
N GLN B 149 -7.42 -9.65 8.39
CA GLN B 149 -6.05 -9.45 7.98
C GLN B 149 -6.01 -9.44 6.45
N LYS B 150 -5.06 -8.73 5.88
CA LYS B 150 -4.94 -8.62 4.41
C LYS B 150 -4.77 -10.01 3.79
N GLU B 151 -5.59 -10.29 2.78
CA GLU B 151 -5.33 -11.42 1.87
C GLU B 151 -5.02 -10.78 0.52
N GLU B 152 -3.81 -11.01 0.02
N GLU B 152 -3.83 -11.03 0.00
CA GLU B 152 -3.40 -10.48 -1.27
CA GLU B 152 -3.44 -10.45 -1.27
C GLU B 152 -4.40 -10.98 -2.30
C GLU B 152 -4.32 -11.00 -2.36
N ALA B 153 -4.84 -10.11 -3.20
CA ALA B 153 -5.83 -10.50 -4.18
C ALA B 153 -5.22 -10.72 -5.57
N TYR B 154 -4.08 -10.09 -5.85
CA TYR B 154 -3.44 -10.19 -7.18
C TYR B 154 -1.94 -10.33 -7.03
N LYS B 155 -1.31 -10.95 -8.03
CA LYS B 155 0.13 -11.11 -8.10
C LYS B 155 0.60 -10.72 -9.51
N LYS B 156 1.73 -10.04 -9.61
CA LYS B 156 2.31 -9.76 -10.91
C LYS B 156 3.41 -10.77 -11.19
N ILE B 157 3.31 -11.41 -12.34
CA ILE B 157 4.22 -12.47 -12.76
C ILE B 157 4.55 -12.23 -14.23
N ASP B 158 5.84 -12.11 -14.53
CA ASP B 158 6.30 -11.86 -15.91
C ASP B 158 5.64 -10.64 -16.51
N GLY B 159 5.50 -9.59 -15.69
CA GLY B 159 4.86 -8.37 -16.12
C GLY B 159 3.34 -8.39 -16.12
N LYS B 160 2.73 -9.58 -16.05
CA LYS B 160 1.27 -9.71 -16.08
C LYS B 160 0.66 -9.83 -14.69
N THR B 161 -0.51 -9.22 -14.51
CA THR B 161 -1.21 -9.27 -13.22
C THR B 161 -2.28 -10.35 -13.23
N TYR B 162 -2.20 -11.27 -12.28
CA TYR B 162 -3.17 -12.33 -12.17
C TYR B 162 -3.91 -12.30 -10.84
N GLN B 163 -5.17 -12.68 -10.90
CA GLN B 163 -5.90 -12.88 -9.65
C GLN B 163 -5.43 -14.14 -8.91
N ILE B 164 -5.36 -14.00 -7.59
CA ILE B 164 -4.92 -15.08 -6.74
C ILE B 164 -6.08 -15.98 -6.30
N LEU B 165 -5.76 -17.27 -6.16
CA LEU B 165 -6.64 -18.23 -5.52
C LEU B 165 -5.94 -18.87 -4.33
N TYR B 166 -6.71 -19.07 -3.26
CA TYR B 166 -6.21 -19.77 -2.08
C TYR B 166 -6.84 -21.14 -2.01
N ARG B 167 -5.99 -22.12 -1.74
CA ARG B 167 -6.47 -23.49 -1.57
C ARG B 167 -6.48 -23.87 -0.10
N GLU B 168 -7.56 -24.54 0.32
CA GLU B 168 -7.69 -25.08 1.67
C GLU B 168 -6.40 -25.76 2.16
N GLY B 169 -5.91 -25.34 3.33
CA GLY B 169 -4.72 -25.94 3.95
C GLY B 169 -3.37 -25.66 3.33
N GLU B 170 -3.34 -24.78 2.32
CA GLU B 170 -2.11 -24.41 1.65
C GLU B 170 -1.87 -22.91 1.78
N LYS B 171 -0.62 -22.54 1.98
CA LYS B 171 -0.23 -21.16 2.22
C LYS B 171 -0.09 -20.33 0.94
N GLY B 172 0.37 -20.98 -0.12
CA GLY B 172 0.80 -20.32 -1.34
C GLY B 172 -0.30 -19.74 -2.22
N ALA B 173 0.09 -18.88 -3.14
CA ALA B 173 -0.90 -18.24 -4.00
C ALA B 173 -0.95 -18.93 -5.34
N TYR B 174 -2.03 -19.66 -5.58
CA TYR B 174 -2.34 -20.12 -6.93
C TYR B 174 -2.72 -18.90 -7.74
N THR B 175 -2.63 -18.97 -9.05
CA THR B 175 -3.02 -17.83 -9.89
C THR B 175 -3.96 -18.27 -11.01
N ILE B 176 -4.86 -17.37 -11.41
CA ILE B 176 -5.76 -17.58 -12.55
C ILE B 176 -5.09 -16.94 -13.75
N ARG B 177 -4.64 -17.78 -14.68
CA ARG B 177 -3.89 -17.25 -15.81
C ARG B 177 -4.68 -17.36 -17.10
N GLU B 178 -3.97 -17.37 -18.22
CA GLU B 178 -4.62 -17.33 -19.53
C GLU B 178 -5.69 -18.40 -19.65
N ASN B 179 -6.82 -18.00 -20.22
CA ASN B 179 -7.98 -18.86 -20.44
C ASN B 179 -8.67 -19.33 -19.16
N GLY B 180 -8.23 -18.83 -18.03
CA GLY B 180 -8.85 -19.25 -16.76
C GLY B 180 -8.10 -20.41 -16.12
N THR B 181 -7.02 -20.86 -16.76
CA THR B 181 -6.26 -21.99 -16.24
C THR B 181 -5.63 -21.64 -14.90
N VAL B 182 -5.86 -22.47 -13.90
CA VAL B 182 -5.25 -22.25 -12.58
C VAL B 182 -3.81 -22.77 -12.55
N TYR B 183 -2.88 -21.92 -12.11
CA TYR B 183 -1.47 -22.29 -11.90
C TYR B 183 -1.12 -22.42 -10.43
N THR B 184 -0.24 -23.38 -10.13
CA THR B 184 0.22 -23.61 -8.76
C THR B 184 1.05 -22.42 -8.31
N PRO B 185 1.28 -22.29 -6.98
CA PRO B 185 2.18 -21.25 -6.50
C PRO B 185 3.55 -21.30 -7.17
N ASP B 186 4.08 -22.49 -7.46
CA ASP B 186 5.39 -22.60 -8.11
C ASP B 186 5.33 -22.48 -9.64
N GLY B 187 4.16 -22.11 -10.16
CA GLY B 187 4.03 -21.71 -11.56
C GLY B 187 3.76 -22.82 -12.57
N LYS B 188 3.15 -23.90 -12.09
CA LYS B 188 2.81 -25.05 -12.94
C LYS B 188 1.31 -25.03 -13.23
N ALA B 189 0.96 -25.23 -14.50
CA ALA B 189 -0.43 -25.37 -14.91
C ALA B 189 -1.12 -26.59 -14.29
N THR B 190 -2.32 -26.39 -13.74
CA THR B 190 -3.15 -27.49 -13.24
C THR B 190 -4.27 -27.83 -14.22
N ASP B 191 -5.05 -28.85 -13.87
CA ASP B 191 -6.21 -29.26 -14.66
C ASP B 191 -7.47 -28.50 -14.24
N TYR B 192 -7.31 -27.53 -13.34
CA TYR B 192 -8.45 -26.74 -12.90
C TYR B 192 -8.56 -25.52 -13.77
N ARG B 193 -9.78 -25.03 -13.94
CA ARG B 193 -10.00 -23.82 -14.70
C ARG B 193 -11.20 -23.01 -14.21
N VAL B 194 -11.09 -21.70 -14.38
CA VAL B 194 -12.09 -20.77 -13.94
C VAL B 194 -12.85 -20.21 -15.13
N VAL B 195 -14.15 -20.05 -14.95
CA VAL B 195 -14.95 -19.38 -15.94
C VAL B 195 -14.64 -17.88 -15.87
N VAL B 196 -13.77 -17.44 -16.76
CA VAL B 196 -13.37 -16.04 -16.86
C VAL B 196 -14.08 -15.32 -17.99
N ASP B 197 -14.73 -16.08 -18.86
CA ASP B 197 -15.57 -15.52 -19.92
C ASP B 197 -16.96 -16.14 -19.82
N PRO B 198 -17.75 -15.67 -18.83
CA PRO B 198 -19.06 -16.27 -18.54
C PRO B 198 -20.01 -16.09 -19.71
N VAL B 199 -20.97 -17.02 -19.83
CA VAL B 199 -21.87 -17.06 -20.99
C VAL B 199 -23.34 -17.16 -20.60
N LYS B 200 -23.62 -17.45 -19.33
CA LYS B 200 -24.99 -17.62 -18.85
C LYS B 200 -25.70 -16.26 -18.69
N PRO B 201 -27.06 -16.25 -18.69
CA PRO B 201 -27.78 -15.00 -18.52
C PRO B 201 -27.32 -14.31 -17.24
N ALA B 202 -27.06 -13.01 -17.35
CA ALA B 202 -26.57 -12.20 -16.24
C ALA B 202 -25.19 -12.61 -15.76
N TYR B 203 -24.49 -13.42 -16.55
CA TYR B 203 -23.14 -13.87 -16.25
C TYR B 203 -23.02 -14.61 -14.92
N SER B 204 -24.05 -15.38 -14.59
CA SER B 204 -24.13 -16.07 -13.30
C SER B 204 -23.15 -17.23 -13.16
N ASP B 205 -22.52 -17.62 -14.25
CA ASP B 205 -21.47 -18.65 -14.23
C ASP B 205 -20.09 -18.04 -13.95
N LYS B 206 -19.99 -16.71 -13.88
CA LYS B 206 -18.67 -16.10 -13.64
C LYS B 206 -18.03 -16.66 -12.37
N GLY B 207 -16.80 -17.10 -12.46
CA GLY B 207 -16.11 -17.65 -11.28
C GLY B 207 -16.27 -19.14 -11.06
N ASP B 208 -17.13 -19.79 -11.86
CA ASP B 208 -17.28 -21.23 -11.74
C ASP B 208 -15.93 -21.91 -11.90
N LEU B 209 -15.70 -22.93 -11.07
CA LEU B 209 -14.42 -23.64 -11.01
C LEU B 209 -14.66 -25.05 -11.58
N TYR B 210 -13.97 -25.35 -12.67
CA TYR B 210 -14.09 -26.65 -13.32
C TYR B 210 -12.80 -27.44 -13.21
N LYS B 211 -12.91 -28.76 -13.16
CA LYS B 211 -11.77 -29.61 -13.48
C LYS B 211 -12.17 -30.37 -14.73
N GLY B 212 -11.48 -30.07 -15.83
CA GLY B 212 -11.90 -30.60 -17.13
C GLY B 212 -13.29 -30.07 -17.39
N ASP B 213 -14.25 -30.98 -17.57
CA ASP B 213 -15.60 -30.56 -17.90
C ASP B 213 -16.57 -30.68 -16.73
N GLN B 214 -16.05 -31.01 -15.54
CA GLN B 214 -16.89 -31.15 -14.35
C GLN B 214 -16.89 -29.87 -13.52
N LEU B 215 -18.08 -29.32 -13.30
CA LEU B 215 -18.25 -28.15 -12.45
C LEU B 215 -18.03 -28.58 -11.00
N LEU B 216 -17.11 -27.90 -10.30
CA LEU B 216 -16.78 -28.27 -8.93
C LEU B 216 -17.29 -27.28 -7.89
N GLY B 217 -17.45 -26.03 -8.29
CA GLY B 217 -17.83 -25.01 -7.32
C GLY B 217 -17.62 -23.65 -7.89
N ASN B 218 -17.30 -22.69 -7.02
CA ASN B 218 -17.11 -21.33 -7.52
C ASN B 218 -16.05 -20.60 -6.70
N ILE B 219 -15.17 -19.87 -7.36
CA ILE B 219 -14.08 -19.20 -6.65
C ILE B 219 -14.55 -18.07 -5.73
N TYR B 220 -15.81 -17.66 -5.88
CA TYR B 220 -16.36 -16.58 -5.03
C TYR B 220 -17.03 -17.14 -3.80
N PHE B 221 -17.18 -18.46 -3.73
CA PHE B 221 -17.76 -19.08 -2.55
C PHE B 221 -16.71 -19.13 -1.44
N THR B 222 -17.12 -18.82 -0.21
CA THR B 222 -16.17 -18.79 0.89
C THR B 222 -16.55 -19.73 2.03
N THR B 223 -17.75 -20.31 2.00
CA THR B 223 -18.14 -21.29 3.03
C THR B 223 -18.63 -22.60 2.40
N ASN B 224 -18.48 -23.70 3.14
CA ASN B 224 -19.06 -24.99 2.73
C ASN B 224 -18.78 -25.26 1.26
N LYS B 225 -17.51 -25.07 0.89
CA LYS B 225 -17.10 -25.12 -0.50
C LYS B 225 -17.07 -26.55 -1.02
N THR B 226 -17.38 -26.70 -2.29
CA THR B 226 -17.27 -27.98 -2.99
C THR B 226 -16.03 -28.07 -3.88
N SER B 227 -15.37 -26.92 -4.09
CA SER B 227 -14.13 -26.84 -4.86
C SER B 227 -12.97 -26.39 -3.95
N PRO B 228 -11.70 -26.60 -4.38
CA PRO B 228 -10.56 -26.31 -3.50
C PRO B 228 -10.20 -24.82 -3.37
N PHE B 229 -10.77 -23.94 -4.18
CA PHE B 229 -10.19 -22.59 -4.36
C PHE B 229 -11.15 -21.45 -4.11
N ARG B 230 -10.64 -20.36 -3.49
CA ARG B 230 -11.39 -19.10 -3.42
C ARG B 230 -10.47 -17.91 -3.62
N ILE B 231 -11.06 -16.80 -4.02
CA ILE B 231 -10.34 -15.55 -4.17
C ILE B 231 -10.11 -14.94 -2.77
N ALA B 232 -9.31 -13.87 -2.73
CA ALA B 232 -9.11 -13.12 -1.49
C ALA B 232 -10.45 -12.54 -1.04
N LYS B 233 -10.68 -12.56 0.28
CA LYS B 233 -11.85 -11.93 0.86
C LYS B 233 -11.57 -10.43 0.98
N ASP B 234 -11.67 -9.76 -0.16
CA ASP B 234 -11.28 -8.36 -0.28
C ASP B 234 -12.45 -7.57 -0.85
N SER B 235 -12.14 -6.44 -1.46
CA SER B 235 -13.14 -5.52 -1.97
C SER B 235 -12.74 -5.27 -3.42
N TYR B 236 -13.68 -5.43 -4.33
CA TYR B 236 -13.35 -5.31 -5.76
C TYR B 236 -14.25 -4.31 -6.49
N LEU B 237 -13.79 -3.88 -7.67
CA LEU B 237 -14.55 -2.99 -8.55
C LEU B 237 -14.68 -3.62 -9.91
N TRP B 238 -15.92 -3.74 -10.36
CA TRP B 238 -16.21 -4.35 -11.65
C TRP B 238 -16.87 -3.36 -12.59
N MET B 239 -16.70 -3.57 -13.89
N MET B 239 -16.70 -3.58 -13.90
CA MET B 239 -17.29 -2.69 -14.89
CA MET B 239 -17.23 -2.69 -14.93
C MET B 239 -17.93 -3.52 -16.00
C MET B 239 -17.91 -3.52 -16.02
N SER B 240 -19.13 -3.10 -16.38
CA SER B 240 -19.85 -3.69 -17.49
C SER B 240 -20.22 -2.52 -18.39
N TYR B 241 -20.25 -2.78 -19.69
CA TYR B 241 -20.53 -1.72 -20.65
C TYR B 241 -21.55 -2.18 -21.67
N SER B 242 -22.22 -1.18 -22.26
CA SER B 242 -23.23 -1.42 -23.29
C SER B 242 -22.93 -0.52 -24.47
N ASP B 243 -23.00 -1.11 -25.66
CA ASP B 243 -22.79 -0.42 -26.93
C ASP B 243 -24.10 -0.28 -27.70
N ASP B 244 -25.19 -0.76 -27.11
CA ASP B 244 -26.52 -0.66 -27.72
C ASP B 244 -27.54 0.08 -26.86
N ASP B 245 -27.11 1.21 -26.28
CA ASP B 245 -28.00 2.10 -25.54
C ASP B 245 -28.64 1.43 -24.30
N GLY B 246 -27.91 0.50 -23.68
CA GLY B 246 -28.36 -0.10 -22.43
C GLY B 246 -29.16 -1.39 -22.56
N LYS B 247 -29.35 -1.83 -23.79
CA LYS B 247 -30.16 -3.03 -24.04
C LYS B 247 -29.43 -4.30 -23.63
N THR B 248 -28.17 -4.43 -24.03
CA THR B 248 -27.34 -5.57 -23.67
C THR B 248 -26.01 -5.10 -23.10
N TRP B 249 -25.41 -5.95 -22.28
CA TRP B 249 -24.25 -5.58 -21.48
C TRP B 249 -23.17 -6.63 -21.61
N SER B 250 -21.91 -6.18 -21.58
CA SER B 250 -20.74 -7.04 -21.64
C SER B 250 -20.67 -7.84 -20.35
N ALA B 251 -19.81 -8.87 -20.35
CA ALA B 251 -19.40 -9.56 -19.14
C ALA B 251 -18.68 -8.57 -18.22
N PRO B 252 -18.68 -8.82 -16.89
CA PRO B 252 -17.99 -7.85 -16.00
C PRO B 252 -16.48 -7.84 -16.22
N GLN B 253 -15.91 -6.65 -16.18
N GLN B 253 -15.89 -6.66 -16.30
CA GLN B 253 -14.46 -6.42 -16.31
CA GLN B 253 -14.44 -6.58 -16.29
C GLN B 253 -13.90 -6.02 -14.94
C GLN B 253 -14.01 -6.17 -14.88
N ASP B 254 -12.92 -6.75 -14.43
CA ASP B 254 -12.37 -6.49 -13.09
C ASP B 254 -11.37 -5.35 -13.24
N ILE B 255 -11.77 -4.16 -12.79
CA ILE B 255 -10.87 -3.01 -12.90
C ILE B 255 -10.04 -2.77 -11.64
N THR B 256 -10.28 -3.59 -10.63
CA THR B 256 -9.65 -3.38 -9.31
C THR B 256 -8.12 -3.17 -9.39
N PRO B 257 -7.37 -4.07 -10.05
CA PRO B 257 -5.91 -3.91 -10.01
C PRO B 257 -5.39 -2.62 -10.65
N MET B 258 -6.20 -2.01 -11.52
CA MET B 258 -5.83 -0.72 -12.09
C MET B 258 -5.83 0.44 -11.09
N VAL B 259 -6.64 0.32 -10.04
CA VAL B 259 -6.95 1.48 -9.20
C VAL B 259 -6.73 1.26 -7.72
N LYS B 260 -6.64 0.00 -7.29
CA LYS B 260 -6.64 -0.27 -5.84
C LYS B 260 -5.21 -0.41 -5.33
N ALA B 261 -4.80 0.52 -4.46
CA ALA B 261 -3.44 0.49 -3.88
C ALA B 261 -3.32 -0.62 -2.82
N ASP B 262 -2.09 -1.03 -2.52
N ASP B 262 -2.06 -0.96 -2.51
CA ASP B 262 -1.91 -2.15 -1.61
CA ASP B 262 -1.74 -2.09 -1.64
C ASP B 262 -2.44 -1.85 -0.21
C ASP B 262 -2.07 -1.82 -0.16
N TRP B 263 -2.39 -0.57 0.16
CA TRP B 263 -2.84 -0.17 1.50
C TRP B 263 -4.36 -0.08 1.65
N MET B 264 -5.07 0.01 0.53
CA MET B 264 -6.51 0.19 0.61
C MET B 264 -7.19 -1.06 1.11
N LYS B 265 -8.10 -0.89 2.07
CA LYS B 265 -8.95 -1.99 2.47
C LYS B 265 -10.16 -2.01 1.56
N PHE B 266 -11.18 -1.21 1.88
CA PHE B 266 -12.30 -1.04 0.99
C PHE B 266 -11.96 -0.04 -0.11
N LEU B 267 -12.43 -0.35 -1.31
CA LEU B 267 -12.54 0.65 -2.39
C LEU B 267 -13.84 0.36 -3.11
N GLY B 268 -14.74 1.33 -3.12
CA GLY B 268 -16.08 1.14 -3.68
C GLY B 268 -16.60 2.42 -4.27
N VAL B 269 -17.67 2.31 -5.06
CA VAL B 269 -18.18 3.51 -5.75
C VAL B 269 -19.04 4.40 -4.87
N GLY B 270 -19.03 5.68 -5.20
CA GLY B 270 -20.08 6.60 -4.68
C GLY B 270 -21.19 6.54 -5.72
N PRO B 271 -22.30 5.83 -5.41
CA PRO B 271 -23.30 5.48 -6.41
C PRO B 271 -24.05 6.67 -6.99
N GLY B 272 -24.51 6.50 -8.23
CA GLY B 272 -25.27 7.49 -8.97
C GLY B 272 -24.75 7.56 -10.39
N THR B 273 -24.49 8.79 -10.84
CA THR B 273 -24.12 8.99 -12.23
C THR B 273 -22.84 9.82 -12.35
N GLY B 274 -21.83 9.22 -12.95
CA GLY B 274 -20.55 9.87 -13.18
C GLY B 274 -20.64 10.90 -14.30
N ILE B 275 -19.51 11.51 -14.61
CA ILE B 275 -19.48 12.57 -15.62
C ILE B 275 -18.32 12.38 -16.57
N VAL B 276 -18.40 13.04 -17.73
CA VAL B 276 -17.28 13.15 -18.62
C VAL B 276 -16.94 14.64 -18.66
N LEU B 277 -15.67 14.98 -18.48
CA LEU B 277 -15.27 16.38 -18.48
C LEU B 277 -15.52 16.95 -19.87
N ARG B 278 -16.12 18.14 -19.92
CA ARG B 278 -16.56 18.67 -21.20
C ARG B 278 -15.70 19.84 -21.69
N ASN B 279 -14.77 20.28 -20.85
CA ASN B 279 -13.85 21.37 -21.20
C ASN B 279 -12.51 21.27 -20.48
N GLY B 280 -11.57 22.12 -20.88
CA GLY B 280 -10.25 22.15 -20.25
C GLY B 280 -9.30 21.11 -20.79
N PRO B 281 -8.06 21.08 -20.26
CA PRO B 281 -6.99 20.19 -20.70
C PRO B 281 -7.32 18.70 -20.56
N HIS B 282 -8.29 18.40 -19.69
CA HIS B 282 -8.66 17.01 -19.42
C HIS B 282 -10.00 16.65 -20.02
N LYS B 283 -10.51 17.50 -20.91
CA LYS B 283 -11.79 17.22 -21.56
C LYS B 283 -11.78 15.79 -22.12
N GLY B 284 -12.87 15.07 -21.92
CA GLY B 284 -12.96 13.69 -22.39
C GLY B 284 -12.78 12.69 -21.26
N ARG B 285 -12.16 13.13 -20.16
CA ARG B 285 -11.94 12.25 -19.01
C ARG B 285 -13.25 11.84 -18.38
N ILE B 286 -13.39 10.53 -18.14
CA ILE B 286 -14.54 9.97 -17.43
C ILE B 286 -14.22 9.98 -15.92
N LEU B 287 -15.10 10.55 -15.10
CA LEU B 287 -14.87 10.60 -13.64
C LEU B 287 -15.90 9.72 -12.94
N ILE B 288 -15.41 8.82 -12.10
CA ILE B 288 -16.27 7.96 -11.27
C ILE B 288 -15.95 8.18 -9.78
N PRO B 289 -16.91 8.72 -8.98
CA PRO B 289 -16.68 8.89 -7.55
C PRO B 289 -16.50 7.52 -6.88
N VAL B 290 -15.50 7.44 -6.02
CA VAL B 290 -15.27 6.23 -5.23
C VAL B 290 -14.88 6.66 -3.84
N TYR B 291 -14.76 5.71 -2.93
CA TYR B 291 -14.13 6.01 -1.65
C TYR B 291 -13.39 4.80 -1.10
N THR B 292 -12.45 5.06 -0.20
CA THR B 292 -11.61 4.01 0.37
C THR B 292 -11.69 3.98 1.88
N THR B 293 -11.24 2.86 2.43
CA THR B 293 -10.87 2.84 3.84
C THR B 293 -9.47 2.29 3.93
N ASN B 294 -8.84 2.46 5.09
CA ASN B 294 -7.51 1.90 5.32
C ASN B 294 -7.57 0.84 6.42
N ASN B 295 -6.44 0.20 6.72
CA ASN B 295 -6.39 -0.90 7.69
C ASN B 295 -6.18 -0.39 9.10
N VAL B 296 -5.93 0.92 9.23
CA VAL B 296 -5.69 1.53 10.56
C VAL B 296 -7.03 1.69 11.26
N SER B 297 -8.01 2.27 10.58
CA SER B 297 -9.30 2.56 11.22
C SER B 297 -10.52 2.19 10.40
N HIS B 298 -10.30 1.71 9.16
CA HIS B 298 -11.37 1.14 8.36
C HIS B 298 -12.63 2.03 8.40
N LEU B 299 -13.80 1.50 8.78
CA LEU B 299 -15.06 2.25 8.64
C LEU B 299 -15.28 3.21 9.80
N ASP B 300 -14.42 3.13 10.79
CA ASP B 300 -14.53 3.96 12.00
C ASP B 300 -13.92 5.34 11.83
N GLY B 301 -12.84 5.43 11.03
CA GLY B 301 -12.14 6.71 10.92
C GLY B 301 -11.40 6.99 9.63
N SER B 302 -11.72 6.27 8.55
CA SER B 302 -10.91 6.45 7.35
C SER B 302 -11.64 6.56 6.02
N GLN B 303 -12.97 6.50 5.99
CA GLN B 303 -13.68 6.64 4.70
C GLN B 303 -13.30 7.95 4.03
N SER B 304 -12.86 7.87 2.78
CA SER B 304 -12.24 9.02 2.11
C SER B 304 -12.60 9.02 0.63
N SER B 305 -13.25 10.10 0.17
CA SER B 305 -13.62 10.24 -1.23
C SER B 305 -12.45 10.55 -2.13
N ARG B 306 -12.60 10.12 -3.37
CA ARG B 306 -11.72 10.47 -4.47
C ARG B 306 -12.46 10.10 -5.73
N VAL B 307 -11.82 10.24 -6.89
CA VAL B 307 -12.34 9.70 -8.11
C VAL B 307 -11.37 8.72 -8.76
N ILE B 308 -11.91 7.78 -9.50
CA ILE B 308 -11.12 7.08 -10.50
C ILE B 308 -11.50 7.67 -11.84
N TYR B 309 -10.61 7.54 -12.80
CA TYR B 309 -10.81 8.22 -14.09
C TYR B 309 -10.23 7.44 -15.24
N SER B 310 -10.78 7.69 -16.44
CA SER B 310 -10.23 7.12 -17.65
C SER B 310 -10.07 8.23 -18.67
N ASP B 311 -8.91 8.24 -19.32
CA ASP B 311 -8.63 9.20 -20.40
C ASP B 311 -8.66 8.56 -21.79
N ASP B 312 -8.92 7.26 -21.83
CA ASP B 312 -8.92 6.49 -23.07
C ASP B 312 -10.24 5.77 -23.31
N HIS B 313 -11.32 6.48 -23.02
CA HIS B 313 -12.68 6.02 -23.26
C HIS B 313 -12.99 4.72 -22.53
N GLY B 314 -12.45 4.62 -21.32
CA GLY B 314 -12.83 3.54 -20.43
C GLY B 314 -12.01 2.28 -20.56
N LYS B 315 -10.94 2.33 -21.35
CA LYS B 315 -10.07 1.15 -21.52
C LYS B 315 -9.19 0.93 -20.30
N THR B 316 -8.60 2.01 -19.80
CA THR B 316 -7.73 1.93 -18.63
C THR B 316 -8.20 2.93 -17.61
N TRP B 317 -7.97 2.61 -16.34
CA TRP B 317 -8.48 3.42 -15.23
C TRP B 317 -7.36 3.79 -14.27
N HIS B 318 -7.48 4.95 -13.63
CA HIS B 318 -6.47 5.41 -12.68
C HIS B 318 -7.15 5.99 -11.47
N ALA B 319 -6.51 5.90 -10.31
CA ALA B 319 -7.03 6.54 -9.11
C ALA B 319 -6.44 7.93 -8.98
N GLY B 320 -7.33 8.90 -8.76
CA GLY B 320 -6.89 10.24 -8.34
C GLY B 320 -6.48 10.17 -6.87
N GLU B 321 -5.97 11.28 -6.32
CA GLU B 321 -5.66 11.39 -4.89
C GLU B 321 -6.94 11.56 -4.09
N ALA B 322 -6.90 11.24 -2.80
CA ALA B 322 -8.06 11.47 -1.95
C ALA B 322 -8.13 12.95 -1.59
N VAL B 323 -9.34 13.43 -1.40
CA VAL B 323 -9.54 14.75 -0.79
C VAL B 323 -8.78 14.83 0.53
N ASN B 324 -8.76 13.72 1.25
CA ASN B 324 -8.09 13.65 2.55
C ASN B 324 -6.57 13.52 2.53
N ASP B 325 -5.96 13.40 1.35
CA ASP B 325 -4.49 13.24 1.26
C ASP B 325 -3.73 14.55 1.49
N ASN B 326 -2.96 14.59 2.57
CA ASN B 326 -2.20 15.77 2.96
C ASN B 326 -3.14 16.95 3.26
N ARG B 327 -4.29 16.63 3.86
CA ARG B 327 -5.30 17.62 4.20
C ARG B 327 -5.08 18.03 5.65
N GLN B 328 -5.27 19.32 5.93
CA GLN B 328 -5.06 19.83 7.26
C GLN B 328 -6.39 19.82 8.02
N VAL B 329 -6.39 19.16 9.18
CA VAL B 329 -7.56 18.98 10.02
C VAL B 329 -7.19 19.32 11.47
N ASP B 330 -7.89 20.30 12.02
CA ASP B 330 -7.61 20.80 13.38
C ASP B 330 -6.13 20.98 13.63
N GLY B 331 -5.45 21.58 12.65
CA GLY B 331 -4.06 21.97 12.79
C GLY B 331 -3.04 20.88 12.51
N GLN B 332 -3.49 19.72 12.03
CA GLN B 332 -2.55 18.64 11.73
C GLN B 332 -2.93 17.93 10.45
N LYS B 333 -1.91 17.44 9.76
CA LYS B 333 -2.11 16.78 8.47
C LYS B 333 -2.65 15.37 8.67
N ILE B 334 -3.46 14.94 7.71
CA ILE B 334 -3.91 13.53 7.61
C ILE B 334 -3.60 13.00 6.21
N HIS B 335 -3.67 11.69 6.05
CA HIS B 335 -3.57 11.05 4.73
C HIS B 335 -4.61 9.95 4.73
N SER B 336 -5.23 9.68 3.58
CA SER B 336 -6.31 8.70 3.55
C SER B 336 -5.82 7.32 3.98
N SER B 337 -4.52 7.05 3.79
CA SER B 337 -3.98 5.71 4.08
C SER B 337 -3.70 5.45 5.55
N THR B 338 -3.68 6.54 6.35
CA THR B 338 -3.27 6.44 7.76
C THR B 338 -4.23 7.12 8.73
N MET B 339 -5.22 7.83 8.22
CA MET B 339 -6.07 8.65 9.09
C MET B 339 -6.92 7.80 10.02
N ASN B 340 -7.26 8.39 11.16
CA ASN B 340 -8.21 7.80 12.08
C ASN B 340 -8.96 8.96 12.73
N ASN B 341 -9.93 9.46 11.99
CA ASN B 341 -10.63 10.68 12.34
C ASN B 341 -12.03 10.61 11.80
N ARG B 342 -12.97 10.23 12.66
N ARG B 342 -12.98 10.23 12.65
CA ARG B 342 -14.35 10.01 12.26
CA ARG B 342 -14.35 10.00 12.22
C ARG B 342 -14.92 11.23 11.56
C ARG B 342 -14.96 11.23 11.57
N ARG B 343 -14.72 12.41 12.15
CA ARG B 343 -15.30 13.65 11.65
C ARG B 343 -14.72 14.15 10.31
N ALA B 344 -13.48 13.73 10.00
CA ALA B 344 -12.78 14.12 8.76
C ALA B 344 -13.09 13.20 7.58
N GLN B 345 -13.93 12.20 7.82
CA GLN B 345 -14.29 11.26 6.75
C GLN B 345 -15.13 11.93 5.70
N ASN B 346 -15.03 11.43 4.48
CA ASN B 346 -15.97 11.79 3.44
C ASN B 346 -16.15 10.54 2.63
N THR B 347 -17.36 10.29 2.17
CA THR B 347 -17.67 8.95 1.73
C THR B 347 -18.15 8.94 0.28
N GLU B 348 -19.37 8.47 0.02
CA GLU B 348 -19.99 8.57 -1.28
C GLU B 348 -20.06 10.03 -1.68
N SER B 349 -19.82 10.31 -2.96
CA SER B 349 -19.86 11.69 -3.42
C SER B 349 -20.43 11.76 -4.81
N THR B 350 -20.73 12.98 -5.23
CA THR B 350 -21.20 13.23 -6.57
C THR B 350 -20.31 14.34 -7.16
N VAL B 351 -20.03 14.23 -8.45
CA VAL B 351 -18.98 15.04 -9.09
C VAL B 351 -19.53 15.90 -10.23
N VAL B 352 -19.12 17.17 -10.25
CA VAL B 352 -19.58 18.12 -11.29
C VAL B 352 -18.41 18.95 -11.81
N GLN B 353 -18.30 19.11 -13.13
CA GLN B 353 -17.32 20.06 -13.69
C GLN B 353 -18.01 21.38 -14.02
N LEU B 354 -17.33 22.47 -13.66
CA LEU B 354 -17.81 23.81 -13.96
C LEU B 354 -17.31 24.29 -15.32
N ASN B 355 -17.93 25.37 -15.80
CA ASN B 355 -17.49 25.98 -17.04
C ASN B 355 -16.06 26.53 -16.95
N ASN B 356 -15.65 27.00 -15.77
CA ASN B 356 -14.26 27.44 -15.58
C ASN B 356 -13.23 26.27 -15.49
N GLY B 357 -13.73 25.04 -15.59
CA GLY B 357 -12.87 23.85 -15.66
C GLY B 357 -12.67 23.12 -14.33
N ASP B 358 -13.04 23.80 -13.23
CA ASP B 358 -12.89 23.22 -11.90
C ASP B 358 -13.83 22.03 -11.77
N VAL B 359 -13.41 21.07 -10.95
CA VAL B 359 -14.25 19.94 -10.62
C VAL B 359 -14.63 20.08 -9.16
N LYS B 360 -15.93 20.00 -8.89
CA LYS B 360 -16.46 20.05 -7.54
C LYS B 360 -16.89 18.65 -7.15
N LEU B 361 -16.56 18.28 -5.91
CA LEU B 361 -16.91 16.97 -5.39
C LEU B 361 -17.73 17.17 -4.13
N PHE B 362 -19.02 16.85 -4.21
CA PHE B 362 -19.95 17.02 -3.11
C PHE B 362 -19.94 15.71 -2.34
N MET B 363 -19.56 15.76 -1.08
CA MET B 363 -19.20 14.53 -0.32
C MET B 363 -20.09 14.30 0.87
N ARG B 364 -20.70 13.12 0.91
CA ARG B 364 -21.38 12.65 2.13
C ARG B 364 -20.43 12.66 3.31
N GLY B 365 -20.85 13.31 4.39
CA GLY B 365 -20.00 13.41 5.57
C GLY B 365 -20.76 13.59 6.87
N LEU B 366 -20.03 14.00 7.90
CA LEU B 366 -20.54 13.93 9.26
C LEU B 366 -20.58 15.30 9.94
N THR B 367 -20.68 16.36 9.14
CA THR B 367 -20.71 17.73 9.67
C THR B 367 -22.13 18.22 9.88
N GLY B 368 -23.10 17.54 9.26
CA GLY B 368 -24.49 17.99 9.30
C GLY B 368 -24.83 18.96 8.19
N ASP B 369 -23.80 19.42 7.46
CA ASP B 369 -24.03 20.27 6.28
C ASP B 369 -23.16 19.86 5.09
N LEU B 370 -23.42 20.50 3.95
CA LEU B 370 -22.85 20.10 2.67
C LEU B 370 -21.34 20.39 2.59
N GLN B 371 -20.58 19.33 2.33
CA GLN B 371 -19.13 19.45 2.19
C GLN B 371 -18.72 19.34 0.74
N VAL B 372 -17.86 20.26 0.29
CA VAL B 372 -17.48 20.33 -1.12
C VAL B 372 -15.97 20.49 -1.29
N ALA B 373 -15.34 19.60 -2.07
CA ALA B 373 -13.93 19.73 -2.44
C ALA B 373 -13.79 20.24 -3.87
N THR B 374 -12.64 20.84 -4.17
CA THR B 374 -12.37 21.38 -5.50
C THR B 374 -11.05 20.84 -6.07
N SER B 375 -11.09 20.43 -7.32
CA SER B 375 -9.89 20.04 -8.04
C SER B 375 -9.70 20.96 -9.25
N LYS B 376 -8.46 21.41 -9.44
CA LYS B 376 -8.10 22.26 -10.58
C LYS B 376 -7.43 21.47 -11.70
N ASP B 377 -7.24 20.17 -11.49
CA ASP B 377 -6.50 19.38 -12.46
C ASP B 377 -7.29 18.17 -12.93
N GLY B 378 -8.60 18.35 -13.05
CA GLY B 378 -9.45 17.34 -13.65
C GLY B 378 -9.73 16.17 -12.73
N GLY B 379 -9.62 16.40 -11.43
CA GLY B 379 -10.04 15.43 -10.42
C GLY B 379 -8.91 14.65 -9.78
N VAL B 380 -7.67 14.97 -10.16
CA VAL B 380 -6.51 14.20 -9.68
C VAL B 380 -6.06 14.60 -8.28
N THR B 381 -6.02 15.91 -8.01
CA THR B 381 -5.64 16.42 -6.70
C THR B 381 -6.68 17.43 -6.25
N TRP B 382 -6.74 17.68 -4.96
CA TRP B 382 -7.80 18.50 -4.40
C TRP B 382 -7.18 19.66 -3.65
N GLU B 383 -7.87 20.80 -3.65
CA GLU B 383 -7.43 21.95 -2.86
C GLU B 383 -7.47 21.66 -1.38
N LYS B 384 -6.70 22.45 -0.62
CA LYS B 384 -6.50 22.18 0.78
C LYS B 384 -7.77 22.39 1.62
N ASP B 385 -8.63 23.30 1.21
CA ASP B 385 -9.86 23.50 1.98
C ASP B 385 -11.06 22.72 1.45
N ILE B 386 -11.77 22.07 2.36
CA ILE B 386 -13.12 21.59 2.07
C ILE B 386 -14.11 22.69 2.46
N LYS B 387 -14.93 23.10 1.50
CA LYS B 387 -15.95 24.13 1.74
C LYS B 387 -17.18 23.51 2.38
N ARG B 388 -17.71 24.18 3.40
CA ARG B 388 -18.99 23.77 4.00
C ARG B 388 -20.09 24.80 3.69
N TYR B 389 -21.22 24.32 3.21
CA TYR B 389 -22.37 25.18 2.92
C TYR B 389 -23.51 24.90 3.90
N PRO B 390 -23.66 25.73 4.95
CA PRO B 390 -24.73 25.56 5.94
C PRO B 390 -26.15 25.69 5.36
N GLN B 391 -26.24 26.24 4.15
CA GLN B 391 -27.51 26.37 3.44
C GLN B 391 -28.10 25.03 3.04
N VAL B 392 -27.25 24.01 2.93
CA VAL B 392 -27.68 22.67 2.54
C VAL B 392 -27.34 21.67 3.65
N LYS B 393 -28.37 21.09 4.25
CA LYS B 393 -28.17 20.06 5.27
C LYS B 393 -27.70 18.76 4.63
N ASP B 394 -26.90 18.01 5.38
CA ASP B 394 -26.49 16.67 4.95
C ASP B 394 -26.70 15.76 6.15
N VAL B 395 -27.63 14.82 6.03
CA VAL B 395 -27.94 13.96 7.17
C VAL B 395 -27.14 12.65 7.20
N TYR B 396 -26.01 12.65 6.49
CA TYR B 396 -25.17 11.46 6.30
C TYR B 396 -25.90 10.46 5.39
N VAL B 397 -26.02 10.84 4.13
CA VAL B 397 -26.70 10.06 3.10
C VAL B 397 -26.22 10.51 1.72
N GLN B 398 -26.26 9.58 0.77
CA GLN B 398 -25.82 9.85 -0.59
C GLN B 398 -26.61 11.03 -1.16
N MET B 399 -26.00 11.73 -2.10
CA MET B 399 -26.68 12.83 -2.81
C MET B 399 -26.31 12.75 -4.29
N SER B 400 -27.02 13.50 -5.13
CA SER B 400 -26.58 13.64 -6.50
C SER B 400 -26.61 15.11 -6.88
N ALA B 401 -25.81 15.47 -7.88
CA ALA B 401 -25.72 16.86 -8.32
C ALA B 401 -25.32 16.91 -9.77
N ILE B 402 -25.91 17.85 -10.51
CA ILE B 402 -25.62 18.00 -11.93
C ILE B 402 -25.41 19.45 -12.31
N HIS B 403 -24.61 19.64 -13.34
CA HIS B 403 -24.42 20.94 -13.95
C HIS B 403 -25.61 21.23 -14.87
N THR B 404 -26.00 22.49 -14.93
CA THR B 404 -27.04 22.91 -15.86
C THR B 404 -26.86 24.36 -16.32
N MET B 405 -27.12 24.58 -17.61
CA MET B 405 -27.17 25.93 -18.17
C MET B 405 -28.62 26.36 -18.34
N HIS B 406 -28.94 27.56 -17.86
CA HIS B 406 -30.27 28.16 -18.05
C HIS B 406 -30.17 29.65 -18.39
N GLU B 407 -30.34 29.96 -19.68
CA GLU B 407 -30.56 31.34 -20.17
C GLU B 407 -29.41 32.37 -20.21
N GLY B 408 -28.22 32.05 -20.70
CA GLY B 408 -27.55 30.78 -20.56
C GLY B 408 -26.58 31.09 -19.42
N LYS B 409 -27.06 30.99 -18.19
CA LYS B 409 -26.25 31.17 -16.99
C LYS B 409 -25.99 29.79 -16.38
N GLU B 410 -24.88 29.66 -15.67
CA GLU B 410 -24.43 28.38 -15.15
C GLU B 410 -24.97 28.09 -13.75
N TYR B 411 -25.58 26.92 -13.59
CA TYR B 411 -26.11 26.47 -12.29
C TYR B 411 -25.68 25.05 -11.90
N ILE B 412 -25.81 24.75 -10.61
CA ILE B 412 -25.82 23.36 -10.13
C ILE B 412 -27.15 23.03 -9.44
N ILE B 413 -27.69 21.86 -9.75
CA ILE B 413 -28.84 21.32 -9.04
C ILE B 413 -28.35 20.14 -8.18
N LEU B 414 -28.68 20.15 -6.89
CA LEU B 414 -28.27 19.08 -5.98
C LEU B 414 -29.51 18.58 -5.23
N SER B 415 -29.66 17.26 -5.15
CA SER B 415 -30.76 16.67 -4.37
C SER B 415 -30.27 15.78 -3.24
N ASN B 416 -30.88 15.95 -2.06
CA ASN B 416 -30.71 15.04 -0.93
C ASN B 416 -31.87 15.15 0.05
N ALA B 417 -31.81 14.40 1.14
CA ALA B 417 -32.77 14.53 2.24
C ALA B 417 -32.62 15.86 2.95
N GLY B 418 -33.75 16.50 3.20
CA GLY B 418 -33.80 17.73 3.99
C GLY B 418 -33.67 17.47 5.47
N GLY B 419 -34.07 16.29 5.90
CA GLY B 419 -33.91 15.89 7.29
C GLY B 419 -35.15 16.18 8.14
N PRO B 420 -35.07 15.97 9.46
CA PRO B 420 -33.88 15.61 10.26
C PRO B 420 -33.32 14.21 10.02
N LYS B 421 -34.14 13.31 9.47
CA LYS B 421 -33.64 11.95 9.19
C LYS B 421 -33.59 11.75 7.69
N ARG B 422 -33.62 10.51 7.25
CA ARG B 422 -33.66 10.28 5.81
C ARG B 422 -35.08 10.48 5.33
N GLU B 423 -35.41 11.76 5.14
CA GLU B 423 -36.76 12.22 4.85
C GLU B 423 -36.76 13.59 4.22
N ASN B 424 -37.87 13.90 3.54
CA ASN B 424 -38.11 15.20 2.93
C ASN B 424 -37.11 15.52 1.84
N GLY B 425 -37.26 14.85 0.70
CA GLY B 425 -36.42 15.09 -0.46
C GLY B 425 -36.43 16.53 -0.87
N MET B 426 -35.25 17.11 -1.02
CA MET B 426 -35.09 18.49 -1.43
C MET B 426 -34.34 18.57 -2.74
N VAL B 427 -34.69 19.54 -3.57
CA VAL B 427 -33.88 19.91 -4.72
C VAL B 427 -33.30 21.29 -4.44
N HIS B 428 -31.96 21.40 -4.49
CA HIS B 428 -31.26 22.65 -4.23
C HIS B 428 -30.69 23.25 -5.52
N LEU B 429 -30.82 24.57 -5.67
CA LEU B 429 -30.31 25.26 -6.86
C LEU B 429 -29.21 26.23 -6.46
N ALA B 430 -28.06 26.12 -7.12
CA ALA B 430 -26.97 27.07 -6.91
C ALA B 430 -26.59 27.77 -8.21
N ARG B 431 -26.32 29.08 -8.10
CA ARG B 431 -25.64 29.77 -9.18
C ARG B 431 -24.18 29.42 -9.00
N VAL B 432 -23.52 29.03 -10.08
CA VAL B 432 -22.06 28.97 -10.00
C VAL B 432 -21.46 30.28 -10.49
N GLU B 433 -20.67 30.87 -9.60
CA GLU B 433 -19.97 32.11 -9.84
C GLU B 433 -18.75 31.87 -10.70
N GLU B 434 -18.18 32.93 -11.26
CA GLU B 434 -17.05 32.80 -12.18
C GLU B 434 -15.83 32.12 -11.58
N ASN B 435 -15.66 32.22 -10.25
CA ASN B 435 -14.54 31.59 -9.56
C ASN B 435 -14.88 30.20 -9.04
N GLY B 436 -16.12 29.77 -9.25
CA GLY B 436 -16.54 28.42 -8.87
C GLY B 436 -17.23 28.33 -7.53
N GLU B 437 -17.29 29.45 -6.80
CA GLU B 437 -18.13 29.55 -5.62
C GLU B 437 -19.57 29.23 -5.98
N LEU B 438 -20.30 28.72 -5.00
CA LEU B 438 -21.67 28.32 -5.19
C LEU B 438 -22.57 29.24 -4.39
N THR B 439 -23.51 29.87 -5.08
CA THR B 439 -24.49 30.71 -4.44
C THR B 439 -25.83 30.00 -4.46
N TRP B 440 -26.22 29.51 -3.29
CA TRP B 440 -27.45 28.75 -3.16
C TRP B 440 -28.65 29.70 -3.23
N LEU B 441 -29.53 29.45 -4.20
CA LEU B 441 -30.64 30.35 -4.49
C LEU B 441 -31.99 29.84 -3.99
N LYS B 442 -32.26 28.55 -4.21
CA LYS B 442 -33.57 27.99 -3.91
C LYS B 442 -33.42 26.62 -3.26
N HIS B 443 -34.38 26.27 -2.41
CA HIS B 443 -34.44 24.96 -1.79
C HIS B 443 -35.88 24.46 -1.84
N ASN B 444 -36.14 23.49 -2.72
CA ASN B 444 -37.51 23.03 -2.95
C ASN B 444 -37.76 21.57 -2.57
N PRO B 445 -38.78 21.33 -1.72
CA PRO B 445 -39.17 19.94 -1.40
C PRO B 445 -39.67 19.20 -2.65
N ILE B 446 -39.31 17.92 -2.76
CA ILE B 446 -39.74 17.12 -3.91
C ILE B 446 -40.40 15.78 -3.52
N GLN B 447 -40.34 15.44 -2.24
CA GLN B 447 -40.92 14.19 -1.74
C GLN B 447 -41.02 14.18 -0.23
N LYS B 448 -42.24 14.34 0.28
CA LYS B 448 -42.50 14.19 1.71
C LYS B 448 -42.25 12.75 2.14
N GLY B 449 -42.01 12.57 3.42
CA GLY B 449 -41.79 11.24 3.98
C GLY B 449 -40.41 10.73 3.62
N GLU B 450 -40.23 9.41 3.77
CA GLU B 450 -38.93 8.77 3.63
C GLU B 450 -38.25 9.14 2.33
N PHE B 451 -36.96 9.46 2.41
CA PHE B 451 -36.21 9.86 1.23
C PHE B 451 -34.72 9.67 1.47
N ALA B 452 -34.07 8.95 0.56
CA ALA B 452 -32.67 8.60 0.74
C ALA B 452 -31.88 8.80 -0.56
N TYR B 453 -31.27 7.74 -1.07
CA TYR B 453 -30.37 7.90 -2.21
C TYR B 453 -31.14 8.41 -3.43
N ASN B 454 -30.46 9.14 -4.30
CA ASN B 454 -31.11 9.70 -5.49
C ASN B 454 -30.13 10.02 -6.62
N SER B 455 -30.67 10.19 -7.82
CA SER B 455 -29.87 10.48 -9.00
C SER B 455 -30.58 11.39 -10.00
N LEU B 456 -30.02 12.60 -10.17
CA LEU B 456 -30.55 13.64 -11.05
C LEU B 456 -30.00 13.55 -12.46
N GLN B 457 -30.82 13.93 -13.45
CA GLN B 457 -30.36 14.13 -14.81
C GLN B 457 -31.06 15.33 -15.46
N GLU B 458 -30.35 16.03 -16.33
CA GLU B 458 -30.93 17.03 -17.21
C GLU B 458 -31.65 16.32 -18.35
N LEU B 459 -32.91 16.70 -18.59
CA LEU B 459 -33.67 16.10 -19.68
C LEU B 459 -33.66 16.95 -20.94
N GLY B 460 -33.48 18.26 -20.77
CA GLY B 460 -33.48 19.19 -21.90
C GLY B 460 -34.75 20.02 -21.85
N ASN B 461 -34.78 21.10 -22.64
CA ASN B 461 -35.93 21.99 -22.69
C ASN B 461 -36.34 22.46 -21.29
N GLY B 462 -35.34 22.75 -20.46
CA GLY B 462 -35.58 23.21 -19.09
C GLY B 462 -36.16 22.14 -18.19
N GLU B 463 -36.13 20.88 -18.64
CA GLU B 463 -36.67 19.77 -17.85
C GLU B 463 -35.59 18.89 -17.20
N TYR B 464 -35.90 18.38 -16.03
CA TYR B 464 -34.99 17.56 -15.24
C TYR B 464 -35.73 16.36 -14.69
N GLY B 465 -35.04 15.22 -14.62
CA GLY B 465 -35.60 13.99 -14.07
C GLY B 465 -34.77 13.52 -12.90
N ILE B 466 -35.42 12.85 -11.96
CA ILE B 466 -34.75 12.34 -10.76
C ILE B 466 -35.28 10.93 -10.40
N LEU B 467 -34.37 10.05 -9.99
CA LEU B 467 -34.69 8.70 -9.52
C LEU B 467 -34.26 8.62 -8.07
N TYR B 468 -35.18 8.29 -7.16
CA TYR B 468 -34.88 8.36 -5.74
C TYR B 468 -35.50 7.24 -4.91
N GLU B 469 -34.92 7.02 -3.72
CA GLU B 469 -35.41 6.06 -2.76
C GLU B 469 -36.45 6.70 -1.84
N HIS B 470 -37.58 6.02 -1.68
CA HIS B 470 -38.68 6.48 -0.83
C HIS B 470 -39.53 5.26 -0.48
N THR B 471 -40.13 5.27 0.71
CA THR B 471 -41.13 4.26 1.10
C THR B 471 -42.40 4.91 1.60
N GLU B 472 -43.51 4.22 1.36
CA GLU B 472 -44.81 4.61 1.90
C GLU B 472 -45.63 3.33 1.94
N LYS B 473 -46.70 3.33 2.74
CA LYS B 473 -47.62 2.19 2.79
C LYS B 473 -46.93 0.85 3.12
N GLY B 474 -46.00 0.88 4.06
CA GLY B 474 -45.27 -0.32 4.48
C GLY B 474 -44.30 -0.92 3.46
N GLN B 475 -44.00 -0.18 2.41
CA GLN B 475 -42.96 -0.61 1.46
C GLN B 475 -41.62 -0.81 2.15
N ASN B 476 -40.92 -1.88 1.77
CA ASN B 476 -39.58 -2.16 2.31
C ASN B 476 -38.59 -1.15 1.72
N ALA B 477 -37.53 -0.83 2.46
CA ALA B 477 -36.49 0.04 1.91
C ALA B 477 -35.86 -0.66 0.70
N TYR B 478 -35.91 -0.07 -0.50
CA TYR B 478 -36.75 1.08 -0.85
C TYR B 478 -37.55 0.75 -2.11
N THR B 479 -38.55 1.57 -2.40
CA THR B 479 -39.10 1.66 -3.74
C THR B 479 -38.38 2.81 -4.45
N LEU B 480 -37.95 2.59 -5.69
CA LEU B 480 -37.27 3.63 -6.46
C LEU B 480 -38.21 4.26 -7.47
N SER B 481 -38.40 5.57 -7.33
CA SER B 481 -39.40 6.29 -8.12
C SER B 481 -38.77 7.43 -8.91
N PHE B 482 -39.51 7.89 -9.92
CA PHE B 482 -39.06 8.88 -10.89
C PHE B 482 -40.08 10.03 -10.98
N ARG B 483 -39.57 11.25 -10.90
CA ARG B 483 -40.37 12.47 -11.13
C ARG B 483 -39.60 13.40 -12.06
N LYS B 484 -40.34 14.12 -12.91
CA LYS B 484 -39.79 15.19 -13.72
C LYS B 484 -40.17 16.53 -13.11
N PHE B 485 -39.26 17.48 -13.20
CA PHE B 485 -39.56 18.87 -12.86
C PHE B 485 -38.95 19.83 -13.88
N ASN B 486 -39.41 21.09 -13.86
CA ASN B 486 -38.86 22.08 -14.76
C ASN B 486 -38.30 23.26 -14.01
N TRP B 487 -37.85 24.26 -14.75
CA TRP B 487 -37.30 25.47 -14.15
C TRP B 487 -38.30 26.20 -13.24
N GLU B 488 -39.59 26.13 -13.57
CA GLU B 488 -40.65 26.75 -12.75
C GLU B 488 -40.67 26.21 -11.32
N PHE B 489 -40.52 24.89 -11.18
CA PHE B 489 -40.47 24.25 -9.86
C PHE B 489 -39.20 24.63 -9.11
N LEU B 490 -38.09 24.70 -9.84
CA LEU B 490 -36.79 25.01 -9.26
C LEU B 490 -36.69 26.42 -8.70
N SER B 491 -37.49 27.34 -9.25
CA SER B 491 -37.29 28.77 -9.03
C SER B 491 -38.05 29.41 -7.86
N LYS B 492 -38.89 28.65 -7.16
CA LYS B 492 -39.68 29.23 -6.08
C LYS B 492 -39.41 28.60 -4.72
C1 G39 C . 19.19 -2.26 18.82
O1A G39 C . 18.39 -3.04 19.40
O1B G39 C . 20.36 -2.14 19.21
C2 G39 C . 18.75 -1.51 17.63
C3 G39 C . 19.75 -0.83 16.73
C4 G39 C . 19.17 -0.69 15.32
C5 G39 C . 17.83 0.02 15.38
N5 G39 C . 17.31 0.35 14.04
C10 G39 C . 16.82 1.54 13.72
O10 G39 C . 16.89 2.54 14.44
C11 G39 C . 16.19 1.59 12.36
C6 G39 C . 16.83 -0.88 16.11
C7 G39 C . 17.43 -1.45 17.39
O7 G39 C . 15.74 -0.07 16.46
C8 G39 C . 14.53 -0.81 16.69
C9 G39 C . 13.75 -1.02 15.39
C81 G39 C . 13.68 -0.01 17.70
C82 G39 C . 14.18 -0.26 19.10
C91 G39 C . 13.62 0.24 14.58
N4 G39 C . 20.10 0.02 14.47
CL CL D . 16.61 23.88 4.23
C FMT E . 33.56 2.73 -7.25
O1 FMT E . 34.55 2.06 -6.88
O2 FMT E . 32.86 2.49 -8.26
C1 EDO F . 30.94 10.68 10.92
O1 EDO F . 32.04 10.88 11.81
C2 EDO F . 29.81 11.59 11.37
O2 EDO F . 30.19 12.95 11.11
C1 EDO G . 32.04 -14.17 0.52
O1 EDO G . 31.94 -12.77 0.80
C2 EDO G . 31.38 -14.93 1.65
O2 EDO G . 32.14 -14.72 2.84
C1 G39 H . -26.30 3.65 3.49
O1A G39 H . -25.94 4.51 4.31
O1B G39 H . -27.50 3.55 3.18
C2 G39 H . -25.30 2.76 2.88
C3 G39 H . -25.63 2.03 1.57
C4 G39 H . -24.35 1.64 0.80
C5 G39 H . -23.33 0.98 1.74
N5 G39 H . -22.14 0.54 1.03
C10 G39 H . -21.57 -0.67 1.17
O10 G39 H . -22.06 -1.57 1.81
C11 G39 H . -20.25 -0.84 0.46
C6 G39 H . -22.92 1.94 2.86
C7 G39 H . -24.12 2.61 3.48
O7 G39 H . -22.24 1.17 3.86
C8 G39 H . -21.39 1.96 4.71
C9 G39 H . -20.01 2.16 4.07
C81 G39 H . -21.25 1.23 6.05
C82 G39 H . -20.97 2.19 7.18
C91 G39 H . -19.39 0.87 3.58
N4 G39 H . -24.70 0.73 -0.31
CL CL I . -16.67 -23.86 -4.10
C1 EDO J . -31.70 -10.58 -8.31
O1 EDO J . -33.10 -10.87 -8.41
C2 EDO J . -31.10 -11.50 -7.27
O2 EDO J . -31.20 -12.85 -7.75
C FMT K . -5.86 -18.22 3.03
O1 FMT K . -4.75 -18.79 2.94
O2 FMT K . -6.09 -17.02 2.84
C FMT L . -25.66 13.54 -19.27
O1 FMT L . -26.47 13.95 -18.40
O2 FMT L . -25.59 12.37 -19.74
C FMT M . -4.90 14.14 -19.75
O1 FMT M . -4.28 14.98 -19.04
O2 FMT M . -6.12 14.17 -20.03
#